data_4GTM
#
_entry.id   4GTM
#
_cell.length_a   173.171
_cell.length_b   173.171
_cell.length_c   70.289
_cell.angle_alpha   90.00
_cell.angle_beta   90.00
_cell.angle_gamma   120.00
#
_symmetry.space_group_name_H-M   'P 61'
#
loop_
_entity.id
_entity.type
_entity.pdbx_description
1 polymer 'Protein farnesyltransferase/geranylgeranyltransferase type-1 subunit alpha'
2 polymer 'Protein farnesyltransferase subunit beta'
3 non-polymer 'ZINC ION'
4 non-polymer 'FARNESYL DIPHOSPHATE'
5 non-polymer '4-({(3R)-7-cyano-4-[(4-methoxyphenyl)sulfonyl]-1-[(1-methyl-1H-imidazol-5-yl)methyl]-2,3,4,5-tetrahydro-1H-1,4-benzodiazepin-3-yl}methyl)phenyl hexylcarbamate'
6 non-polymer 'DIMETHYL SULFOXIDE'
7 water water
#
loop_
_entity_poly.entity_id
_entity_poly.type
_entity_poly.pdbx_seq_one_letter_code
_entity_poly.pdbx_strand_id
1 'polypeptide(L)'
;MAATEGVGESAPGGEPGQPEQPPPPPPPPPAQQPQEEEMAAEAGEAAASPMDDGFLSLDSPTYVLYRDRAEWADIDPVPQ
NDGPSPVVQIIYSEKFRDVYDYFRAVLQRDERSERAFKLTRDAIELNAANYTVWHFRRVLLRSLQKDLQEEMNYIIAIIE
EQPKNYQVWHHRRVLVEWLKDPSQELEFIADILNQDAKNYHAWQHRQWVIQEFRLWDNELQYVDQLLKEDVRNNSVWNQR
HFVISNTTGYSDRAVLEREVQYTLEMIKLVPHNESAWNYLKGILQDRGLSRYPNLLNQLLDLQPSHSSPYLIAFLVDIYE
DMLENQCDNKEDILNKALELCEILAKEKDTIRKEYWRYIGRSLQSKHSRESDIPASV
;
A
2 'polypeptide(L)'
;MASSSSFTYYCPPSSSPVWSEPLYSLRPEHARERLQDDSVETVTSIEQAKVEEKIQEVFSSYKFNHLVPRLVLQREKHFH
YLKRGLRQLTDAYECLDASRPWLCYWILHSLELLDEPIPQIVATDVCQFLELCQSPDGGFGGGPGQYPHLAPTYAAVNAL
CIIGTEEAYNVINREKLLQYLYSLKQPDGSFLMHVGGEVDVRSAYCAASVASLTNIITPDLFEGTAEWIARCQNWEGGIG
GVPGMEAHGGYTFCGLAALVILKKERSLNLKSLLQWVTSRQMRFEGGFQGRCNKLVDGCYSFWQAGLLPLLHRALHAQGD
PALSMSHWMFHQQALQEYILMCCQCPAGGLLDKPGKSRDFYHTCYCLSGLSIAQHFGSGAMLHDVVMGVPENVLQPTHPV
YNIGPDKVIQATTHFLQKPVPGFEECE
;
B
#
# COMPACT_ATOMS: atom_id res chain seq x y z
N GLY A 54 11.32 32.73 21.74
CA GLY A 54 10.08 33.46 21.60
C GLY A 54 8.84 32.57 21.57
N PHE A 55 9.03 31.32 21.89
CA PHE A 55 8.01 30.30 21.67
C PHE A 55 7.48 29.74 22.99
N LEU A 56 6.19 29.48 23.06
CA LEU A 56 5.63 28.74 24.16
C LEU A 56 5.23 27.31 23.78
N SER A 57 5.98 26.33 24.26
CA SER A 57 5.80 24.92 23.91
C SER A 57 4.46 24.37 24.31
N LEU A 58 3.94 23.47 23.46
CA LEU A 58 2.62 22.83 23.71
C LEU A 58 2.59 21.96 24.94
N ASP A 59 3.73 21.41 25.37
CA ASP A 59 3.77 20.63 26.62
C ASP A 59 4.34 21.40 27.83
N SER A 60 4.55 22.71 27.68
CA SER A 60 4.95 23.56 28.80
C SER A 60 3.92 23.53 29.92
N PRO A 61 4.38 23.45 31.18
CA PRO A 61 3.40 23.52 32.29
C PRO A 61 2.62 24.84 32.31
N THR A 62 3.22 25.90 31.76
CA THR A 62 2.60 27.21 31.67
C THR A 62 2.06 27.58 30.27
N TYR A 63 1.89 26.58 29.39
CA TYR A 63 1.14 26.79 28.14
C TYR A 63 -0.21 27.39 28.45
N VAL A 64 -0.63 28.34 27.64
CA VAL A 64 -1.90 29.04 27.79
C VAL A 64 -2.69 28.93 26.45
N LEU A 65 -3.99 28.71 26.53
CA LEU A 65 -4.80 28.68 25.34
C LEU A 65 -4.79 30.05 24.63
N TYR A 66 -4.82 30.02 23.28
CA TYR A 66 -4.81 31.25 22.45
C TYR A 66 -5.92 32.23 22.79
N ARG A 67 -7.08 31.67 23.15
CA ARG A 67 -8.22 32.49 23.60
C ARG A 67 -7.94 33.27 24.90
N ASP A 68 -6.93 32.85 25.66
CA ASP A 68 -6.54 33.54 26.90
C ASP A 68 -5.26 34.37 26.73
N ARG A 69 -4.81 34.56 25.49
CA ARG A 69 -3.57 35.32 25.24
C ARG A 69 -3.92 36.74 24.78
N ALA A 70 -3.25 37.74 25.36
CA ALA A 70 -3.56 39.15 25.07
C ALA A 70 -3.12 39.55 23.67
N GLU A 71 -1.96 39.05 23.23
CA GLU A 71 -1.47 39.25 21.84
C GLU A 71 -2.45 38.84 20.74
N TRP A 72 -3.53 38.14 21.08
CA TRP A 72 -4.46 37.63 20.10
C TRP A 72 -5.89 38.20 20.27
N ALA A 73 -6.03 39.24 21.12
CA ALA A 73 -7.37 39.78 21.48
C ALA A 73 -8.07 40.45 20.31
N ASP A 74 -7.30 41.03 19.39
CA ASP A 74 -7.90 41.67 18.22
C ASP A 74 -8.57 40.71 17.24
N ILE A 75 -8.30 39.41 17.35
CA ILE A 75 -8.80 38.47 16.34
C ILE A 75 -9.85 37.51 16.94
N ASP A 76 -10.92 37.30 16.18
CA ASP A 76 -12.02 36.42 16.59
C ASP A 76 -11.77 35.04 16.00
N PRO A 77 -11.73 34.00 16.86
CA PRO A 77 -11.55 32.64 16.36
C PRO A 77 -12.67 32.21 15.44
N VAL A 78 -12.40 31.25 14.56
CA VAL A 78 -13.37 30.79 13.59
C VAL A 78 -13.67 29.33 13.89
N PRO A 79 -14.83 29.04 14.50
CA PRO A 79 -15.15 27.66 14.83
C PRO A 79 -15.40 26.84 13.57
N GLN A 80 -15.17 25.54 13.67
CA GLN A 80 -15.31 24.68 12.52
C GLN A 80 -16.77 24.52 12.16
N ASN A 81 -17.07 24.63 10.88
CA ASN A 81 -18.43 24.45 10.42
C ASN A 81 -18.59 23.02 9.93
N ASP A 82 -19.28 22.20 10.73
CA ASP A 82 -19.56 20.81 10.40
C ASP A 82 -21.02 20.59 10.02
N GLY A 83 -21.80 21.67 10.06
CA GLY A 83 -23.23 21.58 9.76
C GLY A 83 -24.06 21.26 10.97
N PRO A 84 -25.39 21.28 10.81
CA PRO A 84 -26.35 21.02 11.91
C PRO A 84 -26.41 19.57 12.40
N SER A 85 -26.06 18.58 11.55
CA SER A 85 -25.96 17.18 12.01
C SER A 85 -24.73 16.47 11.43
N PRO A 86 -23.58 16.66 12.08
CA PRO A 86 -22.30 16.14 11.62
C PRO A 86 -22.16 14.62 11.54
N VAL A 87 -21.31 14.18 10.62
CA VAL A 87 -20.81 12.82 10.60
C VAL A 87 -19.29 12.83 10.83
N VAL A 88 -18.77 11.67 11.19
CA VAL A 88 -17.37 11.50 11.56
C VAL A 88 -16.82 12.70 12.32
N GLN A 89 -17.57 13.11 13.34
CA GLN A 89 -17.25 14.27 14.15
C GLN A 89 -16.28 13.85 15.21
N ILE A 90 -15.09 14.42 15.16
CA ILE A 90 -14.02 14.09 16.10
CA ILE A 90 -14.06 14.07 16.12
C ILE A 90 -14.21 14.96 17.34
N ILE A 91 -14.21 14.34 18.52
CA ILE A 91 -14.35 15.09 19.76
C ILE A 91 -12.97 15.57 20.16
N TYR A 92 -12.58 16.70 19.62
CA TYR A 92 -11.23 17.21 19.85
C TYR A 92 -10.99 17.62 21.30
N SER A 93 -9.74 17.48 21.74
CA SER A 93 -9.29 18.09 22.97
C SER A 93 -9.43 19.62 22.89
N GLU A 94 -9.56 20.26 24.05
CA GLU A 94 -9.64 21.72 24.14
C GLU A 94 -8.47 22.39 23.45
N LYS A 95 -7.28 21.86 23.70
CA LYS A 95 -6.05 22.40 23.15
C LYS A 95 -6.05 22.37 21.60
N PHE A 96 -6.53 21.28 21.01
CA PHE A 96 -6.54 21.08 19.56
C PHE A 96 -7.52 22.04 18.92
N ARG A 97 -8.76 22.04 19.43
CA ARG A 97 -9.82 22.93 18.95
C ARG A 97 -9.46 24.40 19.00
N ASP A 98 -8.81 24.82 20.10
CA ASP A 98 -8.33 26.18 20.29
C ASP A 98 -7.26 26.56 19.25
N VAL A 99 -6.21 25.77 19.10
CA VAL A 99 -5.23 26.06 18.03
C VAL A 99 -5.90 26.17 16.65
N TYR A 100 -6.77 25.22 16.33
CA TYR A 100 -7.35 25.19 15.00
C TYR A 100 -8.40 26.27 14.73
N ASP A 101 -9.08 26.77 15.77
CA ASP A 101 -10.02 27.90 15.64
C ASP A 101 -9.26 29.17 15.25
N TYR A 102 -8.09 29.36 15.84
CA TYR A 102 -7.22 30.50 15.50
C TYR A 102 -6.52 30.32 14.15
N PHE A 103 -6.13 29.09 13.82
CA PHE A 103 -5.56 28.84 12.48
C PHE A 103 -6.54 29.21 11.36
N ARG A 104 -7.79 28.77 11.51
CA ARG A 104 -8.83 29.14 10.57
C ARG A 104 -9.00 30.63 10.43
N ALA A 105 -8.85 31.36 11.52
CA ALA A 105 -8.97 32.82 11.49
C ALA A 105 -7.81 33.42 10.70
N VAL A 106 -6.58 33.01 10.97
CA VAL A 106 -5.45 33.60 10.23
C VAL A 106 -5.49 33.16 8.74
N LEU A 107 -5.94 31.92 8.48
CA LEU A 107 -6.02 31.43 7.09
C LEU A 107 -7.02 32.27 6.30
N GLN A 108 -8.22 32.45 6.84
CA GLN A 108 -9.27 33.21 6.18
C GLN A 108 -8.95 34.69 5.95
N ARG A 109 -8.28 35.34 6.89
CA ARG A 109 -7.83 36.69 6.67
C ARG A 109 -6.54 36.74 5.82
N ASP A 110 -5.93 35.58 5.57
CA ASP A 110 -4.60 35.51 4.96
C ASP A 110 -3.64 36.45 5.67
N GLU A 111 -3.53 36.26 6.98
CA GLU A 111 -2.67 37.10 7.78
C GLU A 111 -1.26 36.56 7.74
N ARG A 112 -0.37 37.34 7.14
CA ARG A 112 1.00 36.91 6.93
C ARG A 112 1.92 37.61 7.91
N SER A 113 1.96 37.06 9.12
CA SER A 113 2.61 37.66 10.26
C SER A 113 3.40 36.61 11.02
N GLU A 114 4.28 37.13 11.87
CA GLU A 114 5.11 36.32 12.74
C GLU A 114 4.27 35.52 13.70
N ARG A 115 3.20 36.11 14.24
CA ARG A 115 2.33 35.35 15.12
C ARG A 115 1.62 34.20 14.36
N ALA A 116 1.25 34.41 13.09
CA ALA A 116 0.63 33.34 12.30
C ALA A 116 1.61 32.19 12.09
N PHE A 117 2.87 32.55 11.82
CA PHE A 117 3.96 31.59 11.61
C PHE A 117 4.20 30.72 12.79
N LYS A 118 4.25 31.31 13.99
CA LYS A 118 4.36 30.51 15.22
C LYS A 118 3.14 29.63 15.46
N LEU A 119 1.97 30.12 15.12
CA LEU A 119 0.76 29.30 15.28
C LEU A 119 0.78 28.02 14.38
N THR A 120 1.37 28.11 13.17
CA THR A 120 1.47 26.93 12.24
C THR A 120 2.28 25.82 12.88
N ARG A 121 3.27 26.22 13.67
CA ARG A 121 4.08 25.30 14.44
C ARG A 121 3.23 24.43 15.35
N ASP A 122 2.29 25.05 16.04
CA ASP A 122 1.49 24.34 17.01
C ASP A 122 0.45 23.50 16.30
N ALA A 123 -0.12 24.03 15.24
CA ALA A 123 -1.12 23.33 14.44
C ALA A 123 -0.49 22.06 13.85
N ILE A 124 0.76 22.17 13.40
CA ILE A 124 1.48 21.05 12.79
C ILE A 124 1.76 20.00 13.86
N GLU A 125 2.24 20.44 15.02
CA GLU A 125 2.53 19.52 16.10
C GLU A 125 1.29 18.71 16.52
N LEU A 126 0.12 19.33 16.48
CA LEU A 126 -1.12 18.63 16.85
C LEU A 126 -1.67 17.71 15.75
N ASN A 127 -1.42 18.04 14.50
CA ASN A 127 -1.73 17.13 13.36
C ASN A 127 -0.79 17.43 12.20
N ALA A 128 0.34 16.73 12.18
CA ALA A 128 1.39 16.93 11.19
C ALA A 128 1.00 16.46 9.77
N ALA A 129 -0.15 15.78 9.64
CA ALA A 129 -0.71 15.40 8.34
C ALA A 129 -1.58 16.48 7.73
N ASN A 130 -1.80 17.60 8.42
CA ASN A 130 -2.62 18.66 7.84
C ASN A 130 -1.83 19.44 6.78
N TYR A 131 -2.05 19.05 5.51
CA TYR A 131 -1.33 19.61 4.35
C TYR A 131 -1.74 21.06 4.06
N THR A 132 -2.95 21.46 4.47
CA THR A 132 -3.35 22.86 4.40
C THR A 132 -2.46 23.78 5.30
N VAL A 133 -2.12 23.32 6.49
CA VAL A 133 -1.24 24.11 7.39
C VAL A 133 0.18 24.21 6.83
N TRP A 134 0.71 23.10 6.32
CA TRP A 134 2.04 23.14 5.69
C TRP A 134 2.11 24.11 4.50
N HIS A 135 1.06 24.16 3.68
CA HIS A 135 1.06 25.07 2.55
C HIS A 135 1.14 26.54 3.03
N PHE A 136 0.33 26.86 4.03
CA PHE A 136 0.32 28.19 4.59
C PHE A 136 1.65 28.51 5.22
N ARG A 137 2.27 27.54 5.87
CA ARG A 137 3.57 27.79 6.48
C ARG A 137 4.63 28.15 5.44
N ARG A 138 4.57 27.48 4.30
CA ARG A 138 5.44 27.82 3.17
C ARG A 138 5.16 29.20 2.59
N VAL A 139 3.90 29.53 2.38
CA VAL A 139 3.56 30.92 2.01
C VAL A 139 4.20 31.93 3.00
N LEU A 140 4.14 31.63 4.29
CA LEU A 140 4.68 32.51 5.35
C LEU A 140 6.23 32.60 5.33
N LEU A 141 6.89 31.46 5.16
CA LEU A 141 8.36 31.44 5.01
C LEU A 141 8.84 32.40 3.92
N ARG A 142 8.18 32.35 2.77
CA ARG A 142 8.47 33.29 1.68
C ARG A 142 8.07 34.76 1.94
N SER A 143 6.84 35.03 2.36
CA SER A 143 6.42 36.44 2.63
C SER A 143 7.21 37.11 3.73
N LEU A 144 7.51 36.36 4.79
CA LEU A 144 8.23 36.94 5.93
C LEU A 144 9.73 36.92 5.74
N GLN A 145 10.18 36.33 4.64
CA GLN A 145 11.61 36.22 4.40
C GLN A 145 12.29 35.50 5.54
N LYS A 146 11.72 34.38 5.97
CA LYS A 146 12.27 33.65 7.08
C LYS A 146 13.59 33.00 6.68
N ASP A 147 14.48 32.87 7.65
CA ASP A 147 15.77 32.25 7.42
C ASP A 147 15.60 30.74 7.22
N LEU A 148 15.92 30.28 6.02
CA LEU A 148 15.66 28.88 5.64
C LEU A 148 16.59 27.86 6.28
N GLN A 149 17.73 28.26 6.84
CA GLN A 149 18.57 27.29 7.59
C GLN A 149 17.99 26.99 8.94
N GLU A 150 17.39 28.01 9.55
CA GLU A 150 16.64 27.86 10.79
C GLU A 150 15.44 26.91 10.58
N GLU A 151 14.72 27.08 9.48
CA GLU A 151 13.61 26.18 9.11
C GLU A 151 14.10 24.78 8.79
N MET A 152 15.30 24.65 8.21
CA MET A 152 15.92 23.35 8.08
C MET A 152 16.15 22.70 9.41
N ASN A 153 16.61 23.47 10.40
CA ASN A 153 16.83 22.94 11.75
C ASN A 153 15.52 22.43 12.38
N TYR A 154 14.45 23.20 12.15
CA TYR A 154 13.11 22.81 12.57
C TYR A 154 12.68 21.44 11.93
N ILE A 155 12.72 21.31 10.62
CA ILE A 155 12.19 20.10 9.97
C ILE A 155 13.01 18.87 10.36
N ILE A 156 14.30 19.04 10.59
CA ILE A 156 15.13 17.94 11.09
C ILE A 156 14.57 17.35 12.39
N ALA A 157 14.28 18.24 13.35
CA ALA A 157 13.73 17.83 14.64
C ALA A 157 12.35 17.15 14.51
N ILE A 158 11.49 17.69 13.67
CA ILE A 158 10.17 17.09 13.50
C ILE A 158 10.24 15.72 12.78
N ILE A 159 11.06 15.61 11.74
CA ILE A 159 11.27 14.29 11.10
C ILE A 159 11.78 13.25 12.11
N GLU A 160 12.74 13.63 12.93
CA GLU A 160 13.25 12.71 13.97
C GLU A 160 12.12 12.15 14.83
N GLU A 161 11.15 12.99 15.20
CA GLU A 161 10.00 12.62 16.04
C GLU A 161 8.91 11.85 15.29
N GLN A 162 8.64 12.22 14.05
CA GLN A 162 7.57 11.61 13.26
C GLN A 162 8.07 11.18 11.88
N PRO A 163 8.96 10.16 11.84
CA PRO A 163 9.62 9.81 10.57
C PRO A 163 8.71 9.15 9.48
N LYS A 164 7.53 8.64 9.84
CA LYS A 164 6.65 8.00 8.86
C LYS A 164 5.52 8.92 8.41
N ASN A 165 5.78 10.21 8.31
CA ASN A 165 4.78 11.14 7.86
C ASN A 165 5.26 11.67 6.52
N TYR A 166 4.38 11.76 5.52
CA TYR A 166 4.76 12.27 4.20
C TYR A 166 5.00 13.79 4.14
N GLN A 167 4.16 14.57 4.83
CA GLN A 167 4.20 16.02 4.73
C GLN A 167 5.57 16.59 5.12
N VAL A 168 6.17 15.93 6.09
CA VAL A 168 7.40 16.35 6.73
C VAL A 168 8.63 16.20 5.80
N TRP A 169 8.65 15.11 5.03
CA TRP A 169 9.66 14.84 4.05
C TRP A 169 9.50 15.70 2.80
N HIS A 170 8.26 15.91 2.38
CA HIS A 170 8.02 16.83 1.28
C HIS A 170 8.50 18.25 1.60
N HIS A 171 8.24 18.70 2.83
CA HIS A 171 8.68 20.05 3.26
C HIS A 171 10.20 20.14 3.20
N ARG A 172 10.90 19.17 3.76
CA ARG A 172 12.35 19.15 3.64
C ARG A 172 12.87 19.28 2.18
N ARG A 173 12.18 18.59 1.26
CA ARG A 173 12.48 18.62 -0.19
C ARG A 173 12.36 20.00 -0.75
N VAL A 174 11.24 20.66 -0.45
CA VAL A 174 11.03 22.04 -0.87
C VAL A 174 12.16 22.96 -0.37
N LEU A 175 12.62 22.75 0.87
CA LEU A 175 13.67 23.57 1.46
C LEU A 175 15.01 23.36 0.75
N VAL A 176 15.35 22.09 0.56
CA VAL A 176 16.58 21.73 -0.15
C VAL A 176 16.58 22.31 -1.56
N GLU A 177 15.44 22.28 -2.27
CA GLU A 177 15.38 22.91 -3.59
C GLU A 177 15.34 24.45 -3.59
N TRP A 178 14.89 25.07 -2.51
CA TRP A 178 14.94 26.54 -2.39
C TRP A 178 16.37 27.00 -2.17
N LEU A 179 17.06 26.27 -1.29
CA LEU A 179 18.44 26.54 -0.92
C LEU A 179 19.48 26.04 -1.93
N LYS A 180 19.08 25.16 -2.84
CA LYS A 180 20.04 24.44 -3.73
C LYS A 180 21.19 23.86 -2.92
N ASP A 181 20.92 23.18 -1.80
CA ASP A 181 21.98 22.73 -0.89
C ASP A 181 21.73 21.34 -0.29
N PRO A 182 22.39 20.30 -0.86
CA PRO A 182 22.22 18.91 -0.42
C PRO A 182 23.18 18.45 0.69
N SER A 183 24.00 19.36 1.18
CA SER A 183 25.18 18.99 1.96
C SER A 183 24.90 18.32 3.27
N GLN A 184 23.70 18.53 3.82
CA GLN A 184 23.31 17.87 5.06
C GLN A 184 22.51 16.57 4.84
N GLU A 185 22.10 16.29 3.61
CA GLU A 185 21.07 15.25 3.39
C GLU A 185 21.47 13.82 3.68
N LEU A 186 22.61 13.37 3.17
CA LEU A 186 22.95 11.94 3.26
C LEU A 186 23.23 11.53 4.69
N GLU A 187 23.82 12.44 5.45
CA GLU A 187 24.12 12.20 6.85
C GLU A 187 22.83 12.24 7.67
N PHE A 188 21.95 13.19 7.34
CA PHE A 188 20.68 13.28 8.05
C PHE A 188 19.89 11.98 7.85
N ILE A 189 19.66 11.63 6.58
CA ILE A 189 18.92 10.39 6.23
C ILE A 189 19.51 9.17 6.89
N ALA A 190 20.84 9.07 6.91
CA ALA A 190 21.52 7.95 7.54
C ALA A 190 21.19 7.86 9.03
N ASP A 191 21.00 9.02 9.66
CA ASP A 191 20.51 9.01 11.05
C ASP A 191 19.07 8.47 11.17
N ILE A 192 18.17 8.83 10.28
CA ILE A 192 16.82 8.25 10.34
C ILE A 192 16.89 6.73 10.13
N LEU A 193 17.63 6.30 9.10
CA LEU A 193 17.77 4.85 8.78
C LEU A 193 18.47 4.02 9.85
N ASN A 194 19.26 4.67 10.69
CA ASN A 194 19.89 3.97 11.81
C ASN A 194 18.85 3.60 12.88
N GLN A 195 17.71 4.29 12.87
CA GLN A 195 16.62 4.01 13.81
C GLN A 195 15.57 3.06 13.23
N ASP A 196 15.32 3.17 11.93
CA ASP A 196 14.46 2.25 11.19
C ASP A 196 15.04 2.13 9.80
N ALA A 197 15.75 1.05 9.55
CA ALA A 197 16.50 0.85 8.31
C ALA A 197 15.62 0.55 7.12
N LYS A 198 14.31 0.50 7.32
CA LYS A 198 13.38 0.20 6.25
C LYS A 198 12.38 1.30 6.00
N ASN A 199 12.62 2.49 6.54
CA ASN A 199 11.68 3.63 6.37
C ASN A 199 11.56 4.06 4.91
N TYR A 200 10.34 3.94 4.39
CA TYR A 200 10.10 4.09 2.98
C TYR A 200 10.34 5.53 2.52
N HIS A 201 9.89 6.49 3.34
CA HIS A 201 10.05 7.90 3.01
C HIS A 201 11.55 8.31 3.04
N ALA A 202 12.28 7.74 3.97
CA ALA A 202 13.72 7.98 4.09
C ALA A 202 14.46 7.46 2.87
N TRP A 203 14.14 6.25 2.40
CA TRP A 203 14.77 5.71 1.18
C TRP A 203 14.47 6.51 -0.05
N GLN A 204 13.21 6.96 -0.17
CA GLN A 204 12.78 7.79 -1.29
C GLN A 204 13.41 9.19 -1.33
N HIS A 205 13.57 9.79 -0.16
CA HIS A 205 14.20 11.12 -0.11
C HIS A 205 15.71 10.95 -0.52
N ARG A 206 16.33 9.88 -0.06
CA ARG A 206 17.72 9.55 -0.42
C ARG A 206 17.94 9.37 -1.95
N GLN A 207 17.04 8.63 -2.59
CA GLN A 207 17.08 8.46 -4.03
C GLN A 207 16.93 9.79 -4.75
N TRP A 208 15.96 10.58 -4.32
CA TRP A 208 15.74 11.89 -4.92
C TRP A 208 17.01 12.75 -4.79
N VAL A 209 17.55 12.83 -3.59
CA VAL A 209 18.75 13.60 -3.33
C VAL A 209 19.91 13.15 -4.25
N ILE A 210 20.20 11.83 -4.25
CA ILE A 210 21.29 11.26 -5.05
C ILE A 210 21.08 11.54 -6.55
N GLN A 211 19.85 11.43 -7.03
CA GLN A 211 19.53 11.72 -8.44
C GLN A 211 19.67 13.20 -8.83
N GLU A 212 19.11 14.11 -8.04
CA GLU A 212 19.03 15.51 -8.47
C GLU A 212 20.35 16.22 -8.36
N PHE A 213 21.17 15.84 -7.40
CA PHE A 213 22.46 16.48 -7.17
C PHE A 213 23.64 15.59 -7.55
N ARG A 214 23.35 14.50 -8.27
CA ARG A 214 24.35 13.55 -8.77
C ARG A 214 25.36 13.17 -7.70
N LEU A 215 24.90 12.51 -6.63
CA LEU A 215 25.75 12.18 -5.49
C LEU A 215 25.96 10.67 -5.33
N TRP A 216 26.47 10.02 -6.38
CA TRP A 216 26.53 8.56 -6.46
C TRP A 216 27.75 7.91 -5.81
N ASP A 217 28.82 8.70 -5.65
CA ASP A 217 30.15 8.16 -5.49
C ASP A 217 30.37 7.27 -4.28
N ASN A 218 29.68 7.55 -3.17
CA ASN A 218 29.86 6.78 -1.93
C ASN A 218 28.68 5.89 -1.52
N GLU A 219 27.71 5.74 -2.40
CA GLU A 219 26.46 5.08 -2.03
C GLU A 219 26.58 3.55 -1.96
N LEU A 220 27.35 2.95 -2.87
CA LEU A 220 27.54 1.50 -2.88
C LEU A 220 28.25 1.08 -1.60
N GLN A 221 29.14 1.93 -1.13
CA GLN A 221 29.75 1.68 0.15
C GLN A 221 28.76 1.69 1.34
N TYR A 222 27.81 2.62 1.30
CA TYR A 222 26.75 2.71 2.33
C TYR A 222 25.93 1.42 2.25
N VAL A 223 25.47 1.08 1.06
CA VAL A 223 24.77 -0.17 0.84
C VAL A 223 25.49 -1.37 1.46
N ASP A 224 26.81 -1.47 1.23
CA ASP A 224 27.60 -2.58 1.78
C ASP A 224 27.60 -2.58 3.27
N GLN A 225 27.72 -1.40 3.88
CA GLN A 225 27.67 -1.29 5.34
C GLN A 225 26.36 -1.88 5.87
N LEU A 226 25.26 -1.50 5.24
CA LEU A 226 23.92 -1.86 5.76
C LEU A 226 23.62 -3.33 5.51
N LEU A 227 23.98 -3.83 4.33
CA LEU A 227 23.84 -5.26 4.02
C LEU A 227 24.54 -6.14 5.03
N LYS A 228 25.65 -5.67 5.61
CA LYS A 228 26.35 -6.38 6.68
C LYS A 228 25.58 -6.33 8.01
N GLU A 229 24.95 -5.19 8.28
CA GLU A 229 24.12 -5.03 9.47
C GLU A 229 22.91 -5.97 9.40
N ASP A 230 22.26 -6.06 8.24
CA ASP A 230 21.09 -6.94 8.06
C ASP A 230 20.97 -7.34 6.61
N VAL A 231 21.40 -8.56 6.32
CA VAL A 231 21.46 -9.03 4.93
C VAL A 231 20.08 -9.34 4.40
N ARG A 232 19.09 -9.39 5.29
CA ARG A 232 17.69 -9.54 4.87
C ARG A 232 16.96 -8.23 4.64
N ASN A 233 17.64 -7.09 4.66
CA ASN A 233 16.93 -5.81 4.49
C ASN A 233 16.68 -5.57 3.03
N ASN A 234 15.42 -5.75 2.61
CA ASN A 234 15.06 -5.65 1.20
C ASN A 234 15.17 -4.24 0.63
N SER A 235 15.16 -3.24 1.50
CA SER A 235 15.35 -1.86 1.08
C SER A 235 16.81 -1.63 0.63
N VAL A 236 17.74 -2.28 1.29
CA VAL A 236 19.15 -2.13 0.95
C VAL A 236 19.48 -2.85 -0.37
N TRP A 237 18.88 -4.04 -0.60
CA TRP A 237 19.02 -4.77 -1.87
C TRP A 237 18.47 -3.95 -3.00
N ASN A 238 17.34 -3.32 -2.75
CA ASN A 238 16.78 -2.43 -3.74
C ASN A 238 17.68 -1.22 -4.01
N GLN A 239 18.33 -0.69 -2.97
CA GLN A 239 19.20 0.48 -3.16
C GLN A 239 20.46 0.07 -3.94
N ARG A 240 21.01 -1.12 -3.65
CA ARG A 240 22.09 -1.70 -4.48
C ARG A 240 21.79 -1.68 -5.97
N HIS A 241 20.61 -2.15 -6.33
CA HIS A 241 20.20 -2.17 -7.71
C HIS A 241 20.07 -0.78 -8.26
N PHE A 242 19.59 0.13 -7.43
CA PHE A 242 19.37 1.53 -7.86
C PHE A 242 20.71 2.19 -8.20
N VAL A 243 21.67 2.02 -7.32
CA VAL A 243 23.02 2.55 -7.55
C VAL A 243 23.71 1.93 -8.80
N ILE A 244 23.76 0.61 -8.88
CA ILE A 244 24.48 -0.08 -9.95
C ILE A 244 23.85 0.29 -11.28
N SER A 245 22.54 0.16 -11.39
CA SER A 245 21.89 0.47 -12.65
C SER A 245 21.97 1.94 -13.07
N ASN A 246 22.29 2.86 -12.17
CA ASN A 246 22.43 4.26 -12.57
C ASN A 246 23.90 4.70 -12.71
N THR A 247 24.84 3.80 -12.38
CA THR A 247 26.27 4.10 -12.49
C THR A 247 26.89 3.26 -13.63
N THR A 248 27.37 2.06 -13.31
CA THR A 248 28.06 1.19 -14.27
C THR A 248 27.09 0.38 -15.09
N GLY A 249 25.98 -0.03 -14.48
CA GLY A 249 24.99 -0.84 -15.18
C GLY A 249 25.34 -2.30 -14.96
N TYR A 250 24.47 -3.18 -15.39
CA TYR A 250 24.64 -4.63 -15.18
C TYR A 250 25.03 -5.33 -16.49
N SER A 251 24.92 -4.59 -17.59
CA SER A 251 25.25 -5.13 -18.91
C SER A 251 26.76 -5.25 -19.09
N ASP A 252 27.45 -5.71 -18.05
CA ASP A 252 28.90 -5.87 -18.09
C ASP A 252 29.32 -7.19 -17.47
N ARG A 253 30.62 -7.48 -17.53
CA ARG A 253 31.15 -8.73 -16.98
C ARG A 253 31.72 -8.51 -15.58
N ALA A 254 32.82 -7.76 -15.51
CA ALA A 254 33.46 -7.47 -14.23
C ALA A 254 32.44 -7.13 -13.16
N VAL A 255 31.53 -6.21 -13.48
CA VAL A 255 30.50 -5.80 -12.55
C VAL A 255 29.53 -6.94 -12.26
N LEU A 256 28.83 -7.38 -13.31
CA LEU A 256 27.87 -8.48 -13.17
C LEU A 256 28.46 -9.64 -12.38
N GLU A 257 29.33 -10.41 -13.02
CA GLU A 257 29.97 -11.56 -12.38
C GLU A 257 30.21 -11.29 -10.89
N ARG A 258 30.71 -10.10 -10.58
CA ARG A 258 30.90 -9.66 -9.19
C ARG A 258 29.58 -9.71 -8.42
N GLU A 259 28.52 -9.25 -9.06
CA GLU A 259 27.22 -9.18 -8.42
C GLU A 259 26.61 -10.57 -8.18
N VAL A 260 26.61 -11.42 -9.21
CA VAL A 260 26.15 -12.83 -9.10
C VAL A 260 26.97 -13.60 -8.06
N GLN A 261 28.26 -13.34 -8.01
CA GLN A 261 29.13 -14.03 -7.06
C GLN A 261 28.86 -13.64 -5.61
N TYR A 262 28.72 -12.32 -5.38
CA TYR A 262 28.39 -11.78 -4.05
C TYR A 262 27.10 -12.42 -3.54
N THR A 263 26.11 -12.49 -4.42
CA THR A 263 24.78 -12.99 -4.06
C THR A 263 24.78 -14.48 -3.74
N LEU A 264 25.40 -15.27 -4.62
CA LEU A 264 25.48 -16.71 -4.37
C LEU A 264 26.22 -16.92 -3.08
N GLU A 265 27.16 -16.04 -2.77
CA GLU A 265 27.86 -16.14 -1.49
C GLU A 265 26.93 -15.82 -0.30
N MET A 266 26.06 -14.81 -0.47
CA MET A 266 25.06 -14.48 0.56
C MET A 266 24.02 -15.59 0.72
N ILE A 267 23.53 -16.11 -0.40
CA ILE A 267 22.63 -17.28 -0.40
C ILE A 267 23.23 -18.43 0.38
N LYS A 268 24.54 -18.67 0.23
CA LYS A 268 25.19 -19.77 0.93
C LYS A 268 25.26 -19.53 2.43
N LEU A 269 25.46 -18.29 2.85
CA LEU A 269 25.51 -17.99 4.28
C LEU A 269 24.11 -18.11 4.87
N VAL A 270 23.10 -17.67 4.13
CA VAL A 270 21.68 -17.65 4.61
C VAL A 270 20.76 -18.13 3.51
N PRO A 271 20.67 -19.45 3.30
CA PRO A 271 19.91 -20.02 2.19
C PRO A 271 18.42 -19.67 2.11
N HIS A 272 17.79 -19.38 3.25
CA HIS A 272 16.35 -19.06 3.28
C HIS A 272 16.06 -17.55 3.26
N ASN A 273 17.10 -16.71 3.10
CA ASN A 273 16.89 -15.27 2.84
C ASN A 273 16.39 -15.01 1.43
N GLU A 274 15.08 -14.78 1.31
CA GLU A 274 14.44 -14.52 0.02
C GLU A 274 14.95 -13.30 -0.75
N SER A 275 15.50 -12.29 -0.06
CA SER A 275 15.91 -11.07 -0.75
C SER A 275 17.03 -11.32 -1.77
N ALA A 276 18.07 -12.02 -1.33
CA ALA A 276 19.18 -12.42 -2.18
C ALA A 276 18.69 -13.21 -3.38
N TRP A 277 17.73 -14.12 -3.16
CA TRP A 277 17.16 -14.91 -4.24
C TRP A 277 16.43 -14.04 -5.26
N ASN A 278 15.72 -13.02 -4.80
CA ASN A 278 15.01 -12.13 -5.71
C ASN A 278 16.00 -11.23 -6.49
N TYR A 279 17.06 -10.82 -5.82
CA TYR A 279 18.10 -10.02 -6.46
C TYR A 279 18.79 -10.82 -7.58
N LEU A 280 19.24 -12.05 -7.25
CA LEU A 280 19.88 -12.95 -8.25
C LEU A 280 19.02 -13.10 -9.47
N LYS A 281 17.77 -13.51 -9.25
CA LYS A 281 16.80 -13.60 -10.34
C LYS A 281 16.69 -12.25 -11.02
N GLY A 282 16.64 -11.18 -10.24
CA GLY A 282 16.41 -9.83 -10.78
C GLY A 282 17.45 -9.37 -11.77
N ILE A 283 18.72 -9.57 -11.41
CA ILE A 283 19.84 -9.13 -12.25
C ILE A 283 20.18 -10.07 -13.46
N LEU A 284 19.56 -11.25 -13.53
CA LEU A 284 19.80 -12.22 -14.64
C LEU A 284 18.64 -12.42 -15.59
N GLN A 285 17.43 -12.11 -15.16
CA GLN A 285 16.23 -12.67 -15.77
C GLN A 285 15.78 -12.09 -17.11
N ASP A 286 16.07 -10.81 -17.34
CA ASP A 286 15.57 -10.17 -18.55
C ASP A 286 16.54 -10.40 -19.72
N ARG A 287 17.69 -10.99 -19.42
CA ARG A 287 18.63 -11.50 -20.42
C ARG A 287 18.18 -12.89 -20.88
N GLY A 288 17.57 -13.62 -19.93
CA GLY A 288 17.18 -15.02 -20.15
C GLY A 288 18.11 -15.89 -19.33
N LEU A 289 17.57 -16.56 -18.32
CA LEU A 289 18.37 -17.41 -17.41
C LEU A 289 19.22 -18.50 -18.11
N SER A 290 18.75 -19.02 -19.23
CA SER A 290 19.40 -20.10 -19.95
C SER A 290 20.65 -19.65 -20.73
N ARG A 291 20.89 -18.34 -20.73
CA ARG A 291 22.04 -17.75 -21.38
C ARG A 291 23.28 -18.12 -20.60
N TYR A 292 23.06 -18.47 -19.33
CA TYR A 292 24.09 -18.80 -18.37
C TYR A 292 24.00 -20.28 -18.01
N PRO A 293 24.63 -21.16 -18.83
CA PRO A 293 24.42 -22.60 -18.68
C PRO A 293 25.06 -23.24 -17.42
N ASN A 294 26.08 -22.63 -16.85
CA ASN A 294 26.66 -23.10 -15.59
C ASN A 294 25.75 -22.93 -14.36
N LEU A 295 24.72 -22.10 -14.48
CA LEU A 295 23.96 -21.67 -13.33
C LEU A 295 23.12 -22.84 -12.77
N LEU A 296 22.47 -23.58 -13.66
CA LEU A 296 21.73 -24.79 -13.28
C LEU A 296 22.55 -25.74 -12.40
N ASN A 297 23.71 -26.12 -12.91
CA ASN A 297 24.52 -27.12 -12.25
C ASN A 297 25.01 -26.59 -10.91
N GLN A 298 25.34 -25.31 -10.86
CA GLN A 298 25.80 -24.71 -9.62
C GLN A 298 24.70 -24.67 -8.55
N LEU A 299 23.46 -24.43 -8.97
CA LEU A 299 22.33 -24.45 -8.03
C LEU A 299 22.07 -25.88 -7.52
N LEU A 300 21.98 -26.83 -8.45
CA LEU A 300 21.88 -28.26 -8.11
C LEU A 300 22.98 -28.71 -7.13
N ASP A 301 24.18 -28.16 -7.26
CA ASP A 301 25.24 -28.47 -6.28
C ASP A 301 24.98 -27.93 -4.86
N LEU A 302 24.18 -26.88 -4.74
CA LEU A 302 23.83 -26.30 -3.42
C LEU A 302 22.79 -27.12 -2.65
N GLN A 303 21.88 -27.73 -3.40
CA GLN A 303 20.65 -28.33 -2.90
C GLN A 303 20.78 -29.27 -1.67
N PRO A 304 21.67 -30.28 -1.74
CA PRO A 304 21.75 -31.27 -0.65
C PRO A 304 22.20 -30.70 0.69
N SER A 305 22.79 -29.52 0.70
CA SER A 305 23.21 -28.83 1.92
C SER A 305 22.54 -27.45 2.13
N HIS A 306 22.02 -26.84 1.05
CA HIS A 306 21.45 -25.49 1.11
C HIS A 306 20.08 -25.40 0.44
N SER A 307 19.23 -26.39 0.66
CA SER A 307 17.93 -26.41 -0.04
C SER A 307 16.89 -25.45 0.57
N SER A 308 15.99 -25.00 -0.28
CA SER A 308 14.89 -24.17 0.13
C SER A 308 13.86 -24.21 -0.98
N PRO A 309 12.61 -23.80 -0.69
CA PRO A 309 11.63 -23.58 -1.75
C PRO A 309 12.09 -22.54 -2.79
N TYR A 310 12.98 -21.63 -2.37
CA TYR A 310 13.50 -20.59 -3.26
C TYR A 310 14.48 -21.20 -4.27
N LEU A 311 15.30 -22.16 -3.84
CA LEU A 311 16.22 -22.86 -4.76
C LEU A 311 15.41 -23.62 -5.82
N ILE A 312 14.48 -24.45 -5.37
CA ILE A 312 13.62 -25.24 -6.30
C ILE A 312 12.85 -24.37 -7.25
N ALA A 313 12.36 -23.25 -6.75
CA ALA A 313 11.59 -22.31 -7.56
C ALA A 313 12.46 -21.64 -8.64
N PHE A 314 13.69 -21.32 -8.27
CA PHE A 314 14.68 -20.80 -9.22
C PHE A 314 15.00 -21.89 -10.28
N LEU A 315 15.13 -23.15 -9.85
CA LEU A 315 15.34 -24.26 -10.80
C LEU A 315 14.25 -24.26 -11.85
N VAL A 316 13.02 -24.03 -11.43
CA VAL A 316 11.89 -24.05 -12.36
C VAL A 316 11.92 -22.87 -13.33
N ASP A 317 12.44 -21.72 -12.90
CA ASP A 317 12.61 -20.57 -13.79
C ASP A 317 13.68 -20.83 -14.86
N ILE A 318 14.78 -21.45 -14.44
CA ILE A 318 15.83 -21.89 -15.39
C ILE A 318 15.23 -22.84 -16.41
N TYR A 319 14.55 -23.89 -15.95
CA TYR A 319 13.92 -24.86 -16.90
C TYR A 319 12.92 -24.21 -17.85
N GLU A 320 12.18 -23.22 -17.36
CA GLU A 320 11.20 -22.54 -18.21
C GLU A 320 11.86 -21.75 -19.35
N ASP A 321 12.96 -21.04 -19.06
CA ASP A 321 13.66 -20.27 -20.10
C ASP A 321 14.32 -21.22 -21.10
N MET A 322 14.89 -22.32 -20.61
CA MET A 322 15.43 -23.38 -21.49
C MET A 322 14.39 -23.84 -22.49
N LEU A 323 13.22 -24.22 -21.99
CA LEU A 323 12.08 -24.64 -22.82
C LEU A 323 11.60 -23.58 -23.83
N GLU A 324 11.64 -22.31 -23.42
CA GLU A 324 11.24 -21.20 -24.30
C GLU A 324 12.24 -20.94 -25.41
N ASN A 325 13.50 -21.24 -25.12
CA ASN A 325 14.58 -21.11 -26.10
C ASN A 325 14.96 -22.43 -26.78
N GLN A 326 14.06 -23.42 -26.71
CA GLN A 326 14.24 -24.71 -27.37
C GLN A 326 15.58 -25.34 -27.05
N CYS A 327 15.71 -25.79 -25.83
CA CYS A 327 16.91 -26.42 -25.36
C CYS A 327 17.02 -27.80 -25.97
N ASP A 328 18.07 -28.49 -25.58
CA ASP A 328 18.23 -29.88 -25.93
C ASP A 328 17.41 -30.69 -24.95
N ASN A 329 16.48 -31.46 -25.49
CA ASN A 329 15.88 -32.50 -24.70
C ASN A 329 14.69 -31.99 -23.96
N LYS A 330 13.63 -31.67 -24.66
CA LYS A 330 12.47 -31.10 -24.05
C LYS A 330 11.92 -31.93 -22.92
N GLU A 331 11.36 -33.09 -23.25
CA GLU A 331 10.63 -33.91 -22.27
C GLU A 331 11.48 -34.16 -21.02
N ASP A 332 12.79 -34.26 -21.19
CA ASP A 332 13.68 -34.39 -20.04
C ASP A 332 13.55 -33.16 -19.12
N ILE A 333 13.72 -31.97 -19.70
CA ILE A 333 13.69 -30.72 -18.94
C ILE A 333 12.27 -30.46 -18.40
N LEU A 334 11.28 -30.55 -19.29
CA LEU A 334 9.87 -30.41 -18.90
C LEU A 334 9.47 -31.27 -17.70
N ASN A 335 9.82 -32.55 -17.69
CA ASN A 335 9.42 -33.43 -16.59
C ASN A 335 10.09 -33.09 -15.28
N LYS A 336 11.35 -32.66 -15.34
CA LYS A 336 12.07 -32.19 -14.15
C LYS A 336 11.30 -31.02 -13.51
N ALA A 337 10.79 -30.12 -14.35
CA ALA A 337 10.07 -28.92 -13.93
C ALA A 337 8.75 -29.26 -13.22
N LEU A 338 7.99 -30.18 -13.81
CA LEU A 338 6.73 -30.60 -13.25
C LEU A 338 6.92 -31.33 -11.93
N GLU A 339 7.88 -32.24 -11.89
CA GLU A 339 8.26 -32.88 -10.64
C GLU A 339 8.41 -31.80 -9.54
N LEU A 340 9.14 -30.75 -9.87
CA LEU A 340 9.44 -29.66 -8.95
C LEU A 340 8.17 -28.87 -8.57
N CYS A 341 7.41 -28.46 -9.59
CA CYS A 341 6.15 -27.79 -9.37
C CYS A 341 5.28 -28.53 -8.34
N GLU A 342 5.12 -29.84 -8.52
CA GLU A 342 4.25 -30.60 -7.66
C GLU A 342 4.89 -30.86 -6.29
N ILE A 343 6.21 -30.95 -6.22
CA ILE A 343 6.86 -30.96 -4.91
C ILE A 343 6.52 -29.68 -4.10
N LEU A 344 6.53 -28.52 -4.77
CA LEU A 344 6.21 -27.23 -4.15
C LEU A 344 4.71 -27.10 -3.78
N ALA A 345 3.84 -27.40 -4.75
CA ALA A 345 2.41 -27.42 -4.54
C ALA A 345 1.96 -28.32 -3.38
N LYS A 346 2.53 -29.53 -3.31
CA LYS A 346 2.01 -30.56 -2.42
C LYS A 346 2.71 -30.62 -1.08
N GLU A 347 3.97 -30.22 -1.07
CA GLU A 347 4.85 -30.53 0.05
C GLU A 347 5.60 -29.30 0.54
N LYS A 348 6.36 -28.65 -0.35
CA LYS A 348 7.41 -27.70 0.06
C LYS A 348 6.95 -26.22 0.11
N ASP A 349 5.85 -25.91 -0.55
CA ASP A 349 5.37 -24.53 -0.64
C ASP A 349 3.87 -24.47 -0.91
N THR A 350 3.09 -25.11 -0.04
CA THR A 350 1.64 -25.30 -0.26
C THR A 350 0.79 -24.01 -0.19
N ILE A 351 1.30 -22.97 0.50
CA ILE A 351 0.60 -21.65 0.54
C ILE A 351 0.44 -21.13 -0.87
N ARG A 352 1.39 -21.52 -1.73
CA ARG A 352 1.32 -21.18 -3.18
C ARG A 352 0.75 -22.29 -4.12
N LYS A 353 0.05 -23.27 -3.58
CA LYS A 353 -0.46 -24.41 -4.38
C LYS A 353 -1.14 -23.96 -5.66
N GLU A 354 -1.94 -22.93 -5.55
CA GLU A 354 -2.69 -22.48 -6.70
C GLU A 354 -1.80 -21.83 -7.80
N TYR A 355 -0.69 -21.21 -7.37
CA TYR A 355 0.25 -20.60 -8.29
C TYR A 355 1.06 -21.69 -8.99
N TRP A 356 1.61 -22.61 -8.20
CA TRP A 356 2.43 -23.69 -8.73
C TRP A 356 1.65 -24.69 -9.60
N ARG A 357 0.37 -24.90 -9.31
CA ARG A 357 -0.48 -25.69 -10.21
C ARG A 357 -0.72 -24.94 -11.50
N TYR A 358 -0.81 -23.62 -11.45
CA TYR A 358 -0.94 -22.80 -12.68
C TYR A 358 0.37 -22.85 -13.51
N ILE A 359 1.52 -22.77 -12.85
CA ILE A 359 2.79 -22.87 -13.53
C ILE A 359 2.98 -24.26 -14.17
N GLY A 360 2.62 -25.31 -13.45
CA GLY A 360 2.68 -26.66 -13.96
C GLY A 360 1.85 -26.83 -15.19
N ARG A 361 0.68 -26.24 -15.16
CA ARG A 361 -0.28 -26.21 -16.23
C ARG A 361 0.14 -25.42 -17.45
N SER A 362 0.54 -24.15 -17.30
CA SER A 362 1.04 -23.30 -18.39
C SER A 362 2.19 -24.00 -19.12
N LEU A 363 3.10 -24.62 -18.36
CA LEU A 363 4.21 -25.37 -18.94
C LEU A 363 3.69 -26.50 -19.86
N GLN A 364 3.14 -27.56 -19.28
CA GLN A 364 2.48 -28.66 -20.03
C GLN A 364 1.76 -28.13 -21.27
N SER A 365 0.98 -27.08 -21.09
CA SER A 365 0.17 -26.48 -22.17
C SER A 365 0.99 -25.99 -23.36
N LYS A 366 2.30 -25.80 -23.19
CA LYS A 366 3.09 -25.28 -24.31
C LYS A 366 4.45 -25.92 -24.55
N HIS A 367 4.85 -26.93 -23.77
CA HIS A 367 6.11 -27.61 -24.02
C HIS A 367 6.04 -29.16 -24.00
N SER A 368 4.81 -29.70 -24.03
CA SER A 368 4.60 -31.15 -24.24
C SER A 368 4.88 -31.55 -25.70
N ARG A 369 4.82 -32.86 -25.95
CA ARG A 369 4.76 -33.39 -27.31
C ARG A 369 3.37 -33.08 -27.88
N GLU A 370 3.32 -32.23 -28.91
CA GLU A 370 2.04 -31.68 -29.40
C GLU A 370 2.17 -31.00 -30.76
N SER A 371 1.25 -31.32 -31.68
CA SER A 371 1.16 -30.63 -32.97
C SER A 371 -0.10 -31.07 -33.75
N TRP B 19 -10.72 -37.14 13.23
CA TRP B 19 -9.26 -37.39 12.93
C TRP B 19 -8.62 -36.26 12.10
N SER B 20 -9.26 -35.91 10.99
CA SER B 20 -8.79 -34.82 10.12
C SER B 20 -9.11 -33.43 10.71
N GLU B 21 -8.25 -32.46 10.41
CA GLU B 21 -8.44 -31.07 10.85
C GLU B 21 -8.87 -30.23 9.67
N PRO B 22 -10.08 -29.66 9.71
CA PRO B 22 -10.51 -28.80 8.62
C PRO B 22 -9.72 -27.47 8.49
N LEU B 23 -9.13 -26.99 9.59
CA LEU B 23 -8.41 -25.72 9.55
C LEU B 23 -6.94 -25.94 9.21
N TYR B 24 -6.54 -25.41 8.05
CA TYR B 24 -5.17 -25.51 7.51
C TYR B 24 -4.10 -25.09 8.51
N SER B 25 -4.35 -24.01 9.23
CA SER B 25 -3.41 -23.48 10.24
C SER B 25 -3.23 -24.37 11.46
N LEU B 26 -4.20 -25.23 11.75
CA LEU B 26 -4.13 -26.07 12.95
C LEU B 26 -3.57 -27.48 12.71
N ARG B 27 -3.35 -27.83 11.44
CA ARG B 27 -2.85 -29.15 11.12
C ARG B 27 -1.43 -29.34 11.64
N PRO B 28 -1.07 -30.57 12.06
CA PRO B 28 0.27 -30.92 12.53
C PRO B 28 1.38 -30.45 11.59
N GLU B 29 1.18 -30.68 10.29
CA GLU B 29 2.13 -30.29 9.23
C GLU B 29 2.50 -28.80 9.28
N HIS B 30 1.56 -27.97 9.70
CA HIS B 30 1.73 -26.53 9.65
C HIS B 30 2.92 -26.04 10.47
N ALA B 31 3.32 -26.80 11.48
CA ALA B 31 4.48 -26.48 12.32
C ALA B 31 5.79 -26.40 11.53
N ARG B 32 5.81 -27.04 10.36
CA ARG B 32 7.00 -27.09 9.52
C ARG B 32 7.22 -25.76 8.78
N GLU B 33 6.14 -24.96 8.66
CA GLU B 33 6.18 -23.66 7.98
C GLU B 33 6.80 -22.52 8.82
N ARG B 34 7.27 -22.83 10.02
CA ARG B 34 7.92 -21.84 10.87
C ARG B 34 9.25 -21.38 10.26
N LEU B 35 9.67 -20.17 10.63
CA LEU B 35 10.84 -19.53 10.08
C LEU B 35 12.08 -20.37 10.26
N GLN B 36 12.84 -20.57 9.18
CA GLN B 36 14.19 -21.14 9.30
C GLN B 36 15.18 -20.00 9.17
N ASP B 37 15.83 -19.66 10.27
CA ASP B 37 16.78 -18.54 10.30
C ASP B 37 18.27 -18.96 10.09
N ASP B 38 18.48 -20.20 9.65
CA ASP B 38 19.81 -20.68 9.27
C ASP B 38 20.87 -20.37 10.32
N SER B 39 20.46 -20.22 11.57
CA SER B 39 21.34 -19.78 12.65
C SER B 39 22.08 -18.47 12.37
N VAL B 40 21.50 -17.62 11.51
CA VAL B 40 21.95 -16.25 11.29
C VAL B 40 20.82 -15.29 11.69
N GLU B 41 21.00 -14.65 12.85
CA GLU B 41 20.02 -13.73 13.41
C GLU B 41 20.28 -12.32 12.91
N THR B 42 19.26 -11.66 12.38
CA THR B 42 19.31 -10.23 12.11
C THR B 42 18.04 -9.61 12.67
N VAL B 43 17.99 -8.28 12.74
CA VAL B 43 16.76 -7.56 13.16
C VAL B 43 15.52 -8.15 12.49
N THR B 44 15.58 -8.36 11.18
CA THR B 44 14.40 -8.84 10.47
C THR B 44 13.94 -10.26 10.86
N SER B 45 14.88 -11.15 11.18
CA SER B 45 14.53 -12.51 11.57
C SER B 45 14.01 -12.54 13.00
N ILE B 46 14.63 -11.78 13.89
CA ILE B 46 14.16 -11.66 15.27
C ILE B 46 12.71 -11.13 15.31
N GLU B 47 12.43 -10.12 14.50
CA GLU B 47 11.07 -9.56 14.43
C GLU B 47 10.07 -10.55 13.85
N GLN B 48 10.46 -11.30 12.83
CA GLN B 48 9.54 -12.26 12.22
C GLN B 48 9.21 -13.40 13.20
N ALA B 49 10.22 -13.87 13.94
CA ALA B 49 10.04 -14.95 14.92
C ALA B 49 9.08 -14.59 16.07
N LYS B 50 9.18 -13.36 16.55
CA LYS B 50 8.25 -12.82 17.53
C LYS B 50 6.77 -12.88 17.06
N VAL B 51 6.50 -12.46 15.84
CA VAL B 51 5.14 -12.50 15.32
C VAL B 51 4.64 -13.95 15.23
N GLU B 52 5.47 -14.82 14.67
CA GLU B 52 5.14 -16.25 14.55
C GLU B 52 4.93 -16.94 15.90
N GLU B 53 5.67 -16.51 16.92
CA GLU B 53 5.42 -17.02 18.25
C GLU B 53 4.03 -16.61 18.73
N LYS B 54 3.68 -15.34 18.53
CA LYS B 54 2.34 -14.83 18.91
C LYS B 54 1.21 -15.49 18.14
N ILE B 55 1.38 -15.63 16.84
CA ILE B 55 0.32 -16.22 16.01
C ILE B 55 0.13 -17.70 16.37
N GLN B 56 1.22 -18.40 16.63
CA GLN B 56 1.13 -19.80 17.04
C GLN B 56 0.32 -19.97 18.34
N GLU B 57 0.46 -19.06 19.31
CA GLU B 57 -0.40 -19.04 20.51
C GLU B 57 -1.87 -18.96 20.13
N VAL B 58 -2.20 -18.07 19.21
CA VAL B 58 -3.58 -17.93 18.77
C VAL B 58 -4.08 -19.25 18.15
N PHE B 59 -3.31 -19.80 17.21
CA PHE B 59 -3.70 -21.05 16.56
C PHE B 59 -3.87 -22.18 17.60
N SER B 60 -2.97 -22.23 18.58
CA SER B 60 -2.92 -23.31 19.56
C SER B 60 -3.98 -23.22 20.65
N SER B 61 -4.59 -22.05 20.84
CA SER B 61 -5.37 -21.80 22.05
C SER B 61 -6.59 -22.74 22.21
N TYR B 62 -7.09 -23.27 21.10
CA TYR B 62 -8.19 -24.27 21.12
C TYR B 62 -7.76 -25.59 21.80
N LYS B 63 -6.62 -26.12 21.36
CA LYS B 63 -6.04 -27.33 21.98
C LYS B 63 -5.77 -27.14 23.46
N PHE B 64 -5.11 -26.03 23.82
CA PHE B 64 -4.68 -25.82 25.20
C PHE B 64 -5.88 -25.64 26.12
N ASN B 65 -6.94 -25.00 25.60
CA ASN B 65 -8.19 -24.85 26.37
C ASN B 65 -9.18 -26.01 26.24
N HIS B 66 -8.89 -26.98 25.37
CA HIS B 66 -9.68 -28.21 25.21
C HIS B 66 -11.09 -27.93 24.72
N LEU B 67 -11.17 -27.13 23.64
CA LEU B 67 -12.42 -26.77 22.99
C LEU B 67 -12.32 -27.00 21.47
N VAL B 68 -13.44 -27.29 20.84
CA VAL B 68 -13.51 -27.41 19.38
C VAL B 68 -13.44 -26.00 18.79
N PRO B 69 -12.59 -25.81 17.74
CA PRO B 69 -12.56 -24.51 17.05
C PRO B 69 -13.83 -24.19 16.26
N ARG B 70 -14.31 -22.97 16.38
CA ARG B 70 -15.35 -22.49 15.47
CA ARG B 70 -15.38 -22.47 15.51
C ARG B 70 -15.10 -21.02 15.19
N LEU B 71 -14.89 -20.71 13.90
CA LEU B 71 -14.61 -19.38 13.39
C LEU B 71 -15.88 -18.63 13.02
N VAL B 72 -16.10 -17.53 13.72
CA VAL B 72 -17.25 -16.68 13.56
C VAL B 72 -16.77 -15.25 13.36
N LEU B 73 -17.30 -14.62 12.34
CA LEU B 73 -17.19 -13.19 12.14
C LEU B 73 -18.24 -12.52 13.07
N GLN B 74 -17.75 -11.69 13.99
CA GLN B 74 -18.55 -11.01 15.00
C GLN B 74 -19.29 -9.81 14.43
N ARG B 75 -20.23 -10.12 13.54
CA ARG B 75 -20.94 -9.12 12.76
C ARG B 75 -21.63 -8.03 13.58
N GLU B 76 -22.28 -8.44 14.66
CA GLU B 76 -23.00 -7.51 15.50
C GLU B 76 -22.06 -6.54 16.23
N LYS B 77 -20.98 -7.06 16.80
CA LYS B 77 -19.97 -6.21 17.40
C LYS B 77 -19.38 -5.22 16.37
N HIS B 78 -19.06 -5.70 15.16
CA HIS B 78 -18.45 -4.81 14.14
C HIS B 78 -19.47 -3.73 13.76
N PHE B 79 -20.74 -4.12 13.62
CA PHE B 79 -21.81 -3.18 13.22
C PHE B 79 -21.99 -2.02 14.22
N HIS B 80 -21.98 -2.33 15.52
CA HIS B 80 -22.11 -1.32 16.58
CA HIS B 80 -22.16 -1.28 16.52
C HIS B 80 -20.95 -0.34 16.57
N TYR B 81 -19.76 -0.89 16.36
CA TYR B 81 -18.52 -0.08 16.31
C TYR B 81 -18.59 0.93 15.17
N LEU B 82 -19.06 0.47 14.02
CA LEU B 82 -19.16 1.29 12.82
C LEU B 82 -20.30 2.28 12.86
N LYS B 83 -21.48 1.83 13.30
CA LYS B 83 -22.68 2.72 13.41
C LYS B 83 -22.36 4.00 14.22
N ARG B 84 -21.65 3.79 15.32
CA ARG B 84 -21.22 4.84 16.20
C ARG B 84 -20.15 5.77 15.60
N GLY B 85 -19.11 5.17 15.00
CA GLY B 85 -18.03 5.93 14.41
C GLY B 85 -18.49 6.77 13.26
N LEU B 86 -19.54 6.36 12.57
CA LEU B 86 -20.06 7.17 11.47
C LEU B 86 -20.51 8.54 11.97
N ARG B 87 -20.83 8.60 13.25
CA ARG B 87 -21.34 9.82 13.85
C ARG B 87 -20.30 10.55 14.64
N GLN B 88 -19.61 9.83 15.51
CA GLN B 88 -18.72 10.44 16.46
C GLN B 88 -17.43 9.64 16.68
N LEU B 89 -16.32 10.35 16.83
CA LEU B 89 -15.01 9.75 16.98
C LEU B 89 -14.31 10.37 18.20
N THR B 90 -13.54 9.57 18.92
CA THR B 90 -12.71 10.06 20.04
C THR B 90 -11.53 10.87 19.49
N ASP B 91 -10.82 11.56 20.39
CA ASP B 91 -9.68 12.40 20.05
C ASP B 91 -8.45 11.64 19.59
N ALA B 92 -8.49 10.30 19.70
CA ALA B 92 -7.51 9.45 19.04
C ALA B 92 -7.47 9.69 17.52
N TYR B 93 -8.58 10.15 16.96
CA TYR B 93 -8.68 10.44 15.53
C TYR B 93 -8.32 11.89 15.14
N GLU B 94 -7.80 12.66 16.08
CA GLU B 94 -7.19 13.98 15.78
C GLU B 94 -6.17 13.94 14.63
N CYS B 95 -5.33 12.90 14.62
CA CYS B 95 -4.39 12.62 13.53
C CYS B 95 -5.03 12.41 12.16
N LEU B 96 -6.34 12.16 12.14
CA LEU B 96 -7.06 11.97 10.88
C LEU B 96 -8.04 13.11 10.58
N ASP B 97 -7.83 14.24 11.25
CA ASP B 97 -8.66 15.45 11.06
C ASP B 97 -8.53 16.07 9.65
N ALA B 98 -7.46 15.74 8.92
CA ALA B 98 -7.35 16.11 7.49
C ALA B 98 -7.72 14.95 6.53
N SER B 99 -8.42 13.94 7.06
CA SER B 99 -8.80 12.74 6.31
C SER B 99 -10.24 12.33 6.59
N ARG B 100 -11.14 13.28 6.84
CA ARG B 100 -12.51 12.89 7.21
C ARG B 100 -13.32 12.20 6.10
N PRO B 101 -13.12 12.59 4.82
CA PRO B 101 -13.76 11.80 3.78
C PRO B 101 -13.28 10.34 3.71
N TRP B 102 -12.02 10.07 4.06
CA TRP B 102 -11.55 8.68 4.19
C TRP B 102 -12.32 7.86 5.23
N LEU B 103 -12.58 8.50 6.37
CA LEU B 103 -13.35 7.86 7.43
C LEU B 103 -14.76 7.56 6.96
N CYS B 104 -15.38 8.46 6.20
CA CYS B 104 -16.69 8.18 5.59
C CYS B 104 -16.62 6.94 4.70
N TYR B 105 -15.64 6.88 3.81
CA TYR B 105 -15.46 5.73 2.93
C TYR B 105 -15.19 4.43 3.70
N TRP B 106 -14.18 4.40 4.56
CA TRP B 106 -13.85 3.17 5.28
C TRP B 106 -15.08 2.62 6.06
N ILE B 107 -15.84 3.50 6.68
CA ILE B 107 -16.94 3.07 7.55
C ILE B 107 -18.14 2.60 6.70
N LEU B 108 -18.54 3.45 5.74
CA LEU B 108 -19.61 3.10 4.78
C LEU B 108 -19.33 1.82 3.95
N HIS B 109 -18.10 1.62 3.50
CA HIS B 109 -17.74 0.39 2.81
C HIS B 109 -17.82 -0.86 3.72
N SER B 110 -17.35 -0.75 4.96
CA SER B 110 -17.46 -1.85 5.91
C SER B 110 -18.95 -2.23 6.14
N LEU B 111 -19.82 -1.24 6.30
CA LEU B 111 -21.26 -1.51 6.46
C LEU B 111 -21.83 -2.16 5.21
N GLU B 112 -21.45 -1.68 4.02
CA GLU B 112 -21.94 -2.31 2.79
C GLU B 112 -21.48 -3.77 2.70
N LEU B 113 -20.23 -4.06 3.05
CA LEU B 113 -19.74 -5.45 3.05
C LEU B 113 -20.50 -6.36 4.04
N LEU B 114 -20.94 -5.79 5.17
CA LEU B 114 -21.69 -6.50 6.21
C LEU B 114 -23.20 -6.56 5.94
N ASP B 115 -23.61 -6.03 4.79
CA ASP B 115 -25.00 -6.07 4.34
C ASP B 115 -25.92 -5.27 5.27
N GLU B 116 -25.43 -4.13 5.74
CA GLU B 116 -26.18 -3.26 6.63
C GLU B 116 -26.60 -2.03 5.84
N PRO B 117 -27.91 -1.79 5.72
CA PRO B 117 -28.35 -0.64 4.92
C PRO B 117 -28.07 0.69 5.60
N ILE B 118 -27.96 1.76 4.80
CA ILE B 118 -27.69 3.10 5.31
C ILE B 118 -28.98 3.90 5.41
N PRO B 119 -29.40 4.26 6.63
CA PRO B 119 -30.60 5.11 6.72
C PRO B 119 -30.54 6.36 5.81
N GLN B 120 -31.63 6.63 5.09
CA GLN B 120 -31.76 7.83 4.22
C GLN B 120 -31.28 9.07 4.96
N ILE B 121 -31.54 9.08 6.25
CA ILE B 121 -31.10 10.10 7.17
C ILE B 121 -29.59 10.30 7.12
N VAL B 122 -28.84 9.22 7.39
CA VAL B 122 -27.39 9.33 7.47
C VAL B 122 -26.80 9.52 6.09
N ALA B 123 -27.43 8.92 5.08
CA ALA B 123 -27.05 9.13 3.70
C ALA B 123 -27.03 10.61 3.33
N THR B 124 -28.09 11.32 3.70
CA THR B 124 -28.19 12.74 3.40
C THR B 124 -27.22 13.57 4.25
N ASP B 125 -26.98 13.15 5.48
CA ASP B 125 -25.99 13.83 6.33
C ASP B 125 -24.55 13.65 5.84
N VAL B 126 -24.21 12.49 5.28
CA VAL B 126 -22.89 12.29 4.64
C VAL B 126 -22.76 13.20 3.43
N CYS B 127 -23.80 13.22 2.60
CA CYS B 127 -23.82 14.06 1.39
C CYS B 127 -23.54 15.53 1.72
N GLN B 128 -24.27 16.07 2.68
CA GLN B 128 -24.09 17.46 3.08
C GLN B 128 -22.71 17.73 3.68
N PHE B 129 -22.19 16.79 4.46
CA PHE B 129 -20.84 16.92 4.95
C PHE B 129 -19.82 16.95 3.82
N LEU B 130 -19.94 16.03 2.85
CA LEU B 130 -18.97 16.01 1.75
C LEU B 130 -19.06 17.25 0.86
N GLU B 131 -20.25 17.80 0.74
CA GLU B 131 -20.46 19.09 0.08
C GLU B 131 -19.61 20.17 0.69
N LEU B 132 -19.58 20.20 2.01
CA LEU B 132 -18.75 21.16 2.74
C LEU B 132 -17.26 20.98 2.52
N CYS B 133 -16.84 19.77 2.18
CA CYS B 133 -15.44 19.46 1.95
C CYS B 133 -15.02 19.81 0.54
N GLN B 134 -15.99 19.97 -0.36
CA GLN B 134 -15.71 20.22 -1.76
C GLN B 134 -15.17 21.63 -1.96
N SER B 135 -14.10 21.75 -2.76
CA SER B 135 -13.50 23.04 -3.08
C SER B 135 -14.19 23.69 -4.28
N PRO B 136 -14.28 25.04 -4.30
CA PRO B 136 -14.91 25.75 -5.45
C PRO B 136 -14.16 25.57 -6.76
N ASP B 137 -12.86 25.36 -6.67
CA ASP B 137 -12.06 25.13 -7.87
C ASP B 137 -11.97 23.63 -8.26
N GLY B 138 -12.62 22.76 -7.48
CA GLY B 138 -12.70 21.32 -7.82
C GLY B 138 -11.95 20.43 -6.83
N GLY B 139 -12.40 19.18 -6.72
CA GLY B 139 -11.86 18.24 -5.76
C GLY B 139 -12.45 18.40 -4.36
N PHE B 140 -12.06 17.49 -3.48
CA PHE B 140 -12.49 17.56 -2.07
C PHE B 140 -11.24 17.68 -1.22
N GLY B 141 -11.35 18.42 -0.12
CA GLY B 141 -10.33 18.46 0.92
C GLY B 141 -10.62 17.52 2.09
N GLY B 142 -9.68 17.51 3.05
CA GLY B 142 -9.75 16.59 4.20
C GLY B 142 -10.81 16.90 5.25
N GLY B 143 -11.42 18.07 5.12
CA GLY B 143 -12.48 18.53 6.02
C GLY B 143 -12.95 19.91 5.54
N PRO B 144 -14.01 20.47 6.16
CA PRO B 144 -14.55 21.75 5.70
C PRO B 144 -13.50 22.83 5.73
N GLY B 145 -13.39 23.56 4.64
CA GLY B 145 -12.43 24.65 4.52
C GLY B 145 -10.98 24.25 4.22
N GLN B 146 -10.71 22.95 4.11
CA GLN B 146 -9.35 22.51 3.84
C GLN B 146 -9.10 22.55 2.32
N TYR B 147 -7.87 22.75 1.89
CA TYR B 147 -7.60 22.72 0.47
C TYR B 147 -7.85 21.33 -0.12
N PRO B 148 -8.15 21.28 -1.43
CA PRO B 148 -8.39 19.97 -2.07
C PRO B 148 -7.14 19.10 -2.21
N HIS B 149 -7.31 17.79 -2.24
CA HIS B 149 -6.22 16.85 -2.36
C HIS B 149 -6.81 15.59 -3.02
N LEU B 150 -6.05 14.90 -3.88
CA LEU B 150 -6.54 13.72 -4.60
C LEU B 150 -7.01 12.54 -3.74
N ALA B 151 -6.38 12.38 -2.58
CA ALA B 151 -6.73 11.29 -1.65
C ALA B 151 -8.15 11.41 -1.07
N PRO B 152 -8.45 12.52 -0.36
CA PRO B 152 -9.86 12.78 0.03
C PRO B 152 -10.86 12.93 -1.14
N THR B 153 -10.39 13.35 -2.32
CA THR B 153 -11.24 13.37 -3.54
C THR B 153 -11.75 11.97 -3.94
N TYR B 154 -10.82 11.03 -3.98
CA TYR B 154 -11.11 9.62 -4.17
C TYR B 154 -12.12 9.03 -3.15
N ALA B 155 -11.87 9.27 -1.87
CA ALA B 155 -12.68 8.76 -0.76
C ALA B 155 -14.10 9.31 -0.85
N ALA B 156 -14.18 10.63 -1.07
CA ALA B 156 -15.44 11.34 -1.18
C ALA B 156 -16.29 10.76 -2.35
N VAL B 157 -15.72 10.70 -3.55
CA VAL B 157 -16.38 10.09 -4.72
C VAL B 157 -16.78 8.64 -4.48
N ASN B 158 -15.92 7.87 -3.81
CA ASN B 158 -16.28 6.48 -3.51
C ASN B 158 -17.43 6.36 -2.50
N ALA B 159 -17.41 7.22 -1.49
CA ALA B 159 -18.44 7.24 -0.47
C ALA B 159 -19.79 7.60 -1.08
N LEU B 160 -19.78 8.65 -1.91
CA LEU B 160 -20.96 9.12 -2.62
C LEU B 160 -21.54 8.04 -3.56
N CYS B 161 -20.67 7.28 -4.24
CA CYS B 161 -21.14 6.15 -5.05
C CYS B 161 -21.73 5.03 -4.18
N ILE B 162 -21.11 4.70 -3.05
CA ILE B 162 -21.70 3.72 -2.14
C ILE B 162 -23.13 4.10 -1.76
N ILE B 163 -23.37 5.36 -1.45
CA ILE B 163 -24.72 5.83 -1.11
C ILE B 163 -25.63 5.66 -2.35
N GLY B 164 -25.17 6.19 -3.48
CA GLY B 164 -25.71 5.81 -4.77
C GLY B 164 -27.04 6.40 -5.16
N THR B 165 -27.51 7.38 -4.39
CA THR B 165 -28.73 8.10 -4.70
C THR B 165 -28.43 9.27 -5.62
N GLU B 166 -29.50 9.86 -6.16
CA GLU B 166 -29.39 10.99 -7.08
C GLU B 166 -28.75 12.21 -6.40
N GLU B 167 -29.18 12.47 -5.17
CA GLU B 167 -28.58 13.49 -4.30
C GLU B 167 -27.06 13.35 -4.21
N ALA B 168 -26.59 12.13 -3.96
CA ALA B 168 -25.17 11.86 -3.81
C ALA B 168 -24.41 12.16 -5.10
N TYR B 169 -24.93 11.64 -6.21
CA TYR B 169 -24.33 11.86 -7.52
C TYR B 169 -24.27 13.37 -7.84
N ASN B 170 -25.29 14.09 -7.43
CA ASN B 170 -25.39 15.53 -7.72
C ASN B 170 -24.44 16.42 -6.91
N VAL B 171 -23.89 15.91 -5.80
CA VAL B 171 -22.87 16.64 -5.01
C VAL B 171 -21.66 16.95 -5.87
N ILE B 172 -21.20 16.00 -6.66
CA ILE B 172 -19.96 16.15 -7.44
C ILE B 172 -20.08 17.20 -8.59
N ASN B 173 -19.24 18.24 -8.53
CA ASN B 173 -19.05 19.18 -9.65
C ASN B 173 -18.07 18.62 -10.65
N ARG B 174 -18.58 18.12 -11.77
CA ARG B 174 -17.76 17.36 -12.71
C ARG B 174 -16.82 18.26 -13.51
N GLU B 175 -17.26 19.49 -13.78
CA GLU B 175 -16.50 20.43 -14.60
C GLU B 175 -15.27 20.86 -13.84
N LYS B 176 -15.50 21.25 -12.59
CA LYS B 176 -14.43 21.69 -11.68
C LYS B 176 -13.46 20.54 -11.40
N LEU B 177 -14.03 19.35 -11.17
CA LEU B 177 -13.21 18.16 -10.93
C LEU B 177 -12.19 17.95 -12.05
N LEU B 178 -12.65 18.05 -13.30
CA LEU B 178 -11.77 17.89 -14.46
C LEU B 178 -10.68 18.95 -14.53
N GLN B 179 -11.05 20.19 -14.21
CA GLN B 179 -10.10 21.30 -14.17
C GLN B 179 -9.02 21.01 -13.14
N TYR B 180 -9.47 20.62 -11.95
CA TYR B 180 -8.60 20.22 -10.86
C TYR B 180 -7.63 19.12 -11.33
N LEU B 181 -8.12 18.07 -11.99
CA LEU B 181 -7.21 16.98 -12.42
C LEU B 181 -6.14 17.49 -13.41
N TYR B 182 -6.53 18.35 -14.34
CA TYR B 182 -5.59 18.98 -15.26
C TYR B 182 -4.53 19.81 -14.53
N SER B 183 -4.92 20.49 -13.45
CA SER B 183 -4.00 21.35 -12.69
C SER B 183 -2.94 20.54 -11.98
N LEU B 184 -3.16 19.23 -11.85
CA LEU B 184 -2.24 18.33 -11.19
C LEU B 184 -1.35 17.52 -12.15
N LYS B 185 -1.82 17.34 -13.39
CA LYS B 185 -1.13 16.56 -14.41
C LYS B 185 0.22 17.16 -14.83
N GLN B 186 1.29 16.35 -14.76
CA GLN B 186 2.64 16.73 -15.15
C GLN B 186 3.05 16.22 -16.54
N PRO B 187 4.02 16.87 -17.21
CA PRO B 187 4.56 16.44 -18.52
C PRO B 187 5.03 14.97 -18.64
N ASP B 188 5.64 14.42 -17.59
CA ASP B 188 6.15 13.03 -17.69
C ASP B 188 5.07 11.91 -17.56
N GLY B 189 3.79 12.30 -17.57
CA GLY B 189 2.67 11.38 -17.34
C GLY B 189 2.08 11.36 -15.91
N SER B 190 2.83 11.83 -14.91
CA SER B 190 2.43 11.75 -13.50
C SER B 190 1.39 12.82 -13.08
N PHE B 191 0.86 12.66 -11.86
CA PHE B 191 -0.05 13.66 -11.23
C PHE B 191 0.48 14.03 -9.85
N LEU B 192 0.44 15.31 -9.51
CA LEU B 192 0.70 15.72 -8.16
C LEU B 192 -0.49 15.31 -7.27
N MET B 193 -0.26 15.08 -5.98
CA MET B 193 -1.34 14.74 -5.05
CA MET B 193 -1.37 14.72 -5.07
C MET B 193 -2.24 15.94 -4.77
N HIS B 194 -1.63 17.11 -4.74
CA HIS B 194 -2.31 18.37 -4.57
C HIS B 194 -1.40 19.48 -5.14
N VAL B 195 -1.95 20.67 -5.34
CA VAL B 195 -1.15 21.80 -5.82
C VAL B 195 -0.04 22.10 -4.80
N GLY B 196 1.19 22.20 -5.30
CA GLY B 196 2.37 22.33 -4.43
C GLY B 196 2.80 21.07 -3.69
N GLY B 197 2.22 19.91 -4.07
CA GLY B 197 2.57 18.61 -3.47
C GLY B 197 3.48 17.89 -4.44
N GLU B 198 3.73 16.59 -4.23
CA GLU B 198 4.52 15.82 -5.22
C GLU B 198 3.85 14.54 -5.67
N VAL B 199 4.42 13.90 -6.70
CA VAL B 199 3.78 12.78 -7.38
C VAL B 199 4.03 11.43 -6.73
N ASP B 200 3.13 10.53 -7.07
CA ASP B 200 2.99 9.26 -6.43
C ASP B 200 2.19 8.38 -7.38
N VAL B 201 2.46 7.08 -7.38
CA VAL B 201 1.61 6.12 -8.09
C VAL B 201 0.18 6.18 -7.58
N ARG B 202 0.01 6.46 -6.29
CA ARG B 202 -1.36 6.61 -5.71
C ARG B 202 -2.16 7.68 -6.40
N SER B 203 -1.51 8.78 -6.76
CA SER B 203 -2.20 9.93 -7.35
C SER B 203 -2.81 9.59 -8.73
N ALA B 204 -2.10 8.74 -9.47
CA ALA B 204 -2.57 8.28 -10.79
C ALA B 204 -3.86 7.45 -10.63
N TYR B 205 -3.83 6.49 -9.70
CA TYR B 205 -5.01 5.70 -9.32
C TYR B 205 -6.17 6.57 -8.86
N CYS B 206 -5.93 7.49 -7.91
CA CYS B 206 -7.01 8.38 -7.46
C CYS B 206 -7.63 9.12 -8.66
N ALA B 207 -6.78 9.67 -9.53
CA ALA B 207 -7.25 10.42 -10.71
C ALA B 207 -8.06 9.49 -11.66
N ALA B 208 -7.54 8.30 -11.94
CA ALA B 208 -8.20 7.38 -12.90
C ALA B 208 -9.53 6.83 -12.32
N SER B 209 -9.53 6.55 -11.01
CA SER B 209 -10.73 6.07 -10.31
C SER B 209 -11.85 7.09 -10.40
N VAL B 210 -11.57 8.28 -9.93
CA VAL B 210 -12.55 9.35 -9.94
C VAL B 210 -12.98 9.78 -11.38
N ALA B 211 -12.02 9.83 -12.31
CA ALA B 211 -12.31 10.28 -13.70
C ALA B 211 -13.19 9.26 -14.41
N SER B 212 -12.81 7.98 -14.34
CA SER B 212 -13.59 6.91 -14.96
C SER B 212 -14.99 6.77 -14.38
N LEU B 213 -15.13 6.76 -13.06
CA LEU B 213 -16.47 6.68 -12.45
C LEU B 213 -17.38 7.83 -12.87
N THR B 214 -16.86 9.05 -12.89
CA THR B 214 -17.73 10.21 -13.19
C THR B 214 -17.74 10.62 -14.67
N ASN B 215 -17.20 9.80 -15.56
CA ASN B 215 -17.19 10.08 -17.00
C ASN B 215 -16.63 11.46 -17.39
N ILE B 216 -15.37 11.71 -17.04
CA ILE B 216 -14.77 12.99 -17.41
C ILE B 216 -13.43 12.79 -18.09
N ILE B 217 -13.17 11.57 -18.57
CA ILE B 217 -11.90 11.25 -19.20
C ILE B 217 -11.84 11.83 -20.62
N THR B 218 -10.95 12.77 -20.82
CA THR B 218 -10.70 13.35 -22.12
C THR B 218 -9.58 12.53 -22.80
N PRO B 219 -9.38 12.75 -24.12
CA PRO B 219 -8.41 11.90 -24.83
C PRO B 219 -6.95 12.13 -24.40
N ASP B 220 -6.66 13.33 -23.89
CA ASP B 220 -5.29 13.63 -23.47
C ASP B 220 -5.04 13.59 -21.96
N LEU B 221 -6.10 13.53 -21.14
CA LEU B 221 -5.95 13.55 -19.66
C LEU B 221 -4.87 12.60 -19.15
N PHE B 222 -4.90 11.35 -19.60
CA PHE B 222 -3.94 10.33 -19.13
C PHE B 222 -2.82 10.03 -20.12
N GLU B 223 -2.50 11.00 -20.96
CA GLU B 223 -1.39 10.86 -21.88
C GLU B 223 -0.11 10.80 -21.08
N GLY B 224 0.67 9.74 -21.30
CA GLY B 224 1.91 9.50 -20.59
C GLY B 224 1.78 8.68 -19.33
N THR B 225 0.57 8.55 -18.83
CA THR B 225 0.32 8.00 -17.49
C THR B 225 0.63 6.51 -17.38
N ALA B 226 0.13 5.69 -18.31
CA ALA B 226 0.51 4.26 -18.34
C ALA B 226 1.99 4.03 -18.29
N GLU B 227 2.75 4.86 -19.04
CA GLU B 227 4.19 4.68 -19.16
C GLU B 227 4.93 5.13 -17.91
N TRP B 228 4.48 6.23 -17.31
CA TRP B 228 4.98 6.63 -15.97
C TRP B 228 4.78 5.47 -14.95
N ILE B 229 3.57 4.91 -14.90
CA ILE B 229 3.29 3.76 -14.00
C ILE B 229 4.23 2.58 -14.29
N ALA B 230 4.41 2.27 -15.59
CA ALA B 230 5.29 1.17 -15.98
C ALA B 230 6.73 1.39 -15.53
N ARG B 231 7.23 2.63 -15.59
CA ARG B 231 8.54 2.97 -15.01
C ARG B 231 8.70 2.63 -13.51
N CYS B 232 7.57 2.51 -12.81
CA CYS B 232 7.57 2.15 -11.37
C CYS B 232 7.70 0.68 -11.04
N GLN B 233 7.37 -0.21 -11.99
CA GLN B 233 7.67 -1.62 -11.78
C GLN B 233 9.18 -1.80 -11.74
N ASN B 234 9.70 -2.56 -10.78
CA ASN B 234 11.14 -2.72 -10.61
C ASN B 234 11.66 -4.17 -10.80
N TRP B 235 12.93 -4.38 -10.52
CA TRP B 235 13.56 -5.69 -10.58
C TRP B 235 12.82 -6.81 -9.82
N GLU B 236 11.86 -6.43 -8.98
CA GLU B 236 11.24 -7.38 -8.04
C GLU B 236 9.99 -7.99 -8.65
N GLY B 237 9.39 -7.30 -9.62
CA GLY B 237 8.09 -7.72 -10.14
C GLY B 237 7.00 -6.76 -9.75
N GLY B 238 7.10 -6.19 -8.54
CA GLY B 238 6.10 -5.24 -8.04
C GLY B 238 6.40 -3.81 -8.43
N ILE B 239 5.59 -2.90 -7.88
CA ILE B 239 5.59 -1.49 -8.21
C ILE B 239 5.92 -0.66 -6.94
N GLY B 240 6.86 0.27 -7.11
CA GLY B 240 7.21 1.26 -6.10
C GLY B 240 6.44 2.54 -6.28
N GLY B 241 6.53 3.43 -5.29
CA GLY B 241 5.75 4.69 -5.32
C GLY B 241 6.16 5.62 -6.45
N VAL B 242 7.47 5.68 -6.70
CA VAL B 242 8.07 6.43 -7.81
C VAL B 242 9.17 5.54 -8.43
N PRO B 243 9.60 5.80 -9.69
CA PRO B 243 10.67 5.00 -10.32
C PRO B 243 11.91 4.87 -9.46
N GLY B 244 12.36 3.64 -9.27
CA GLY B 244 13.54 3.35 -8.47
C GLY B 244 13.29 2.83 -7.08
N MET B 245 12.06 3.01 -6.59
CA MET B 245 11.71 2.65 -5.21
C MET B 245 11.27 1.19 -5.08
N GLU B 246 11.54 0.61 -3.90
CA GLU B 246 11.15 -0.75 -3.56
C GLU B 246 9.69 -1.04 -3.87
N ALA B 247 9.42 -2.29 -4.25
CA ALA B 247 8.07 -2.75 -4.52
C ALA B 247 7.25 -2.89 -3.20
N HIS B 248 6.02 -2.41 -3.25
CA HIS B 248 5.15 -2.33 -2.11
C HIS B 248 3.70 -2.56 -2.52
N GLY B 249 3.01 -3.35 -1.72
CA GLY B 249 1.63 -3.73 -2.00
C GLY B 249 0.63 -2.63 -2.26
N GLY B 250 0.67 -1.56 -1.46
CA GLY B 250 -0.27 -0.48 -1.65
C GLY B 250 -0.07 0.23 -2.98
N TYR B 251 1.20 0.51 -3.30
CA TYR B 251 1.54 1.14 -4.58
C TYR B 251 1.32 0.19 -5.78
N THR B 252 1.53 -1.10 -5.58
CA THR B 252 1.31 -2.09 -6.65
C THR B 252 -0.18 -2.20 -6.97
N PHE B 253 -1.01 -2.21 -5.92
CA PHE B 253 -2.44 -2.20 -6.12
C PHE B 253 -2.81 -1.00 -6.93
N CYS B 254 -2.41 0.19 -6.46
CA CYS B 254 -2.75 1.42 -7.16
C CYS B 254 -2.28 1.42 -8.64
N GLY B 255 -1.07 0.90 -8.89
CA GLY B 255 -0.50 0.89 -10.22
C GLY B 255 -1.27 -0.03 -11.16
N LEU B 256 -1.42 -1.30 -10.77
CA LEU B 256 -2.17 -2.22 -11.62
C LEU B 256 -3.62 -1.79 -11.81
N ALA B 257 -4.30 -1.37 -10.75
CA ALA B 257 -5.74 -1.00 -10.89
C ALA B 257 -5.92 0.23 -11.78
N ALA B 258 -5.01 1.18 -11.68
CA ALA B 258 -5.03 2.34 -12.60
C ALA B 258 -4.84 1.87 -14.05
N LEU B 259 -3.91 0.95 -14.29
CA LEU B 259 -3.69 0.41 -15.66
C LEU B 259 -4.90 -0.39 -16.19
N VAL B 260 -5.53 -1.19 -15.33
CA VAL B 260 -6.83 -1.80 -15.68
C VAL B 260 -7.88 -0.78 -16.13
N ILE B 261 -8.04 0.31 -15.41
CA ILE B 261 -9.00 1.34 -15.81
C ILE B 261 -8.62 1.98 -17.14
N LEU B 262 -7.32 2.15 -17.40
CA LEU B 262 -6.85 2.77 -18.62
C LEU B 262 -6.74 1.76 -19.77
N LYS B 263 -7.03 0.48 -19.49
CA LYS B 263 -6.89 -0.61 -20.47
C LYS B 263 -5.48 -0.72 -20.99
N LYS B 264 -4.51 -0.63 -20.09
CA LYS B 264 -3.11 -0.63 -20.46
C LYS B 264 -2.35 -1.58 -19.59
N GLU B 265 -3.02 -2.59 -19.05
CA GLU B 265 -2.35 -3.59 -18.20
C GLU B 265 -1.10 -4.16 -18.85
N ARG B 266 -1.15 -4.34 -20.17
CA ARG B 266 -0.05 -4.96 -20.96
C ARG B 266 1.30 -4.23 -20.85
N SER B 267 1.26 -2.95 -20.48
CA SER B 267 2.47 -2.17 -20.22
C SER B 267 3.40 -2.84 -19.22
N LEU B 268 2.81 -3.58 -18.28
CA LEU B 268 3.59 -4.27 -17.24
C LEU B 268 4.09 -5.66 -17.61
N ASN B 269 5.19 -6.12 -17.00
CA ASN B 269 5.52 -7.53 -17.00
C ASN B 269 4.63 -8.24 -15.94
N LEU B 270 3.47 -8.72 -16.41
CA LEU B 270 2.49 -9.43 -15.58
C LEU B 270 2.99 -10.71 -14.95
N LYS B 271 3.93 -11.39 -15.60
CA LYS B 271 4.50 -12.62 -15.05
C LYS B 271 5.35 -12.34 -13.82
N SER B 272 6.24 -11.34 -13.92
CA SER B 272 7.04 -10.95 -12.76
C SER B 272 6.14 -10.39 -11.62
N LEU B 273 5.09 -9.66 -12.00
CA LEU B 273 4.10 -9.15 -11.06
C LEU B 273 3.37 -10.27 -10.29
N LEU B 274 2.93 -11.32 -10.99
CA LEU B 274 2.28 -12.48 -10.37
C LEU B 274 3.24 -13.24 -9.45
N GLN B 275 4.46 -13.42 -9.88
CA GLN B 275 5.40 -14.14 -9.06
C GLN B 275 5.65 -13.33 -7.77
N TRP B 276 5.61 -12.00 -7.92
CA TRP B 276 5.84 -11.09 -6.78
C TRP B 276 4.67 -11.15 -5.77
N VAL B 277 3.44 -10.85 -6.16
CA VAL B 277 2.33 -10.85 -5.16
C VAL B 277 2.25 -12.18 -4.45
N THR B 278 2.28 -13.27 -5.22
CA THR B 278 1.99 -14.57 -4.69
C THR B 278 3.02 -14.90 -3.67
N SER B 279 4.26 -14.46 -3.89
CA SER B 279 5.32 -14.62 -2.89
C SER B 279 5.09 -13.82 -1.59
N ARG B 280 4.15 -12.88 -1.61
CA ARG B 280 3.86 -12.02 -0.45
C ARG B 280 2.90 -12.62 0.56
N GLN B 281 2.33 -13.80 0.29
CA GLN B 281 1.51 -14.48 1.29
C GLN B 281 2.44 -15.21 2.23
N MET B 282 2.20 -15.10 3.53
CA MET B 282 3.10 -15.69 4.52
C MET B 282 2.75 -17.17 4.76
N ARG B 283 3.74 -18.04 4.57
CA ARG B 283 3.53 -19.48 4.68
C ARG B 283 2.96 -19.88 6.05
N PHE B 284 3.44 -19.23 7.13
CA PHE B 284 2.94 -19.57 8.47
C PHE B 284 1.66 -18.81 8.86
N GLU B 285 1.71 -17.49 8.82
CA GLU B 285 0.59 -16.68 9.27
C GLU B 285 -0.66 -16.82 8.40
N GLY B 286 -0.46 -16.93 7.10
CA GLY B 286 -1.57 -17.07 6.14
C GLY B 286 -2.03 -15.74 5.54
N GLY B 287 -1.76 -14.63 6.25
CA GLY B 287 -1.99 -13.28 5.73
C GLY B 287 -0.88 -12.82 4.79
N PHE B 288 -0.99 -11.58 4.30
CA PHE B 288 0.04 -10.98 3.42
C PHE B 288 0.93 -9.93 4.12
N GLN B 289 2.18 -9.85 3.66
CA GLN B 289 3.10 -8.76 3.99
C GLN B 289 3.07 -7.72 2.86
N GLY B 290 3.59 -6.52 3.11
CA GLY B 290 3.50 -5.41 2.14
C GLY B 290 4.72 -5.32 1.23
N ARG B 291 5.83 -5.85 1.72
CA ARG B 291 7.11 -5.84 1.02
C ARG B 291 7.82 -7.10 1.44
N CYS B 292 8.82 -7.50 0.68
CA CYS B 292 9.58 -8.69 1.02
C CYS B 292 10.40 -8.47 2.30
N ASN B 293 10.42 -9.51 3.12
CA ASN B 293 11.13 -9.51 4.40
C ASN B 293 10.58 -8.49 5.46
N LYS B 294 9.31 -8.09 5.31
CA LYS B 294 8.61 -7.37 6.39
C LYS B 294 7.47 -8.23 7.01
N LEU B 295 6.66 -7.63 7.87
CA LEU B 295 5.73 -8.40 8.73
C LEU B 295 4.35 -8.50 8.11
N VAL B 296 3.63 -9.54 8.49
CA VAL B 296 2.24 -9.70 8.06
C VAL B 296 1.41 -8.51 8.58
N ASP B 297 0.39 -8.11 7.84
CA ASP B 297 -0.53 -7.10 8.31
C ASP B 297 -1.86 -7.31 7.60
N GLY B 298 -2.95 -7.23 8.37
CA GLY B 298 -4.30 -7.44 7.88
C GLY B 298 -4.77 -6.56 6.75
N CYS B 299 -4.28 -5.33 6.65
CA CYS B 299 -4.79 -4.44 5.56
C CYS B 299 -4.31 -4.89 4.18
N TYR B 300 -3.18 -5.58 4.14
CA TYR B 300 -2.68 -6.19 2.89
C TYR B 300 -3.53 -7.36 2.41
N SER B 301 -4.45 -7.87 3.27
CA SER B 301 -5.51 -8.78 2.84
C SER B 301 -6.19 -8.20 1.61
N PHE B 302 -6.34 -6.87 1.58
CA PHE B 302 -6.93 -6.25 0.41
C PHE B 302 -5.87 -5.81 -0.63
N TRP B 303 -4.89 -5.03 -0.22
CA TRP B 303 -3.95 -4.46 -1.20
C TRP B 303 -3.19 -5.53 -2.00
N GLN B 304 -2.72 -6.60 -1.36
CA GLN B 304 -2.03 -7.66 -2.07
C GLN B 304 -3.04 -8.64 -2.73
N ALA B 305 -3.98 -9.19 -1.95
CA ALA B 305 -4.84 -10.25 -2.47
C ALA B 305 -5.75 -9.74 -3.58
N GLY B 306 -6.17 -8.48 -3.50
CA GLY B 306 -6.97 -7.83 -4.55
C GLY B 306 -6.25 -7.68 -5.91
N LEU B 307 -4.94 -7.85 -5.92
CA LEU B 307 -4.20 -7.96 -7.17
C LEU B 307 -4.58 -9.23 -7.94
N LEU B 308 -4.93 -10.30 -7.24
CA LEU B 308 -5.21 -11.59 -7.87
C LEU B 308 -6.41 -11.60 -8.81
N PRO B 309 -7.55 -11.03 -8.40
CA PRO B 309 -8.63 -10.86 -9.34
C PRO B 309 -8.31 -9.94 -10.51
N LEU B 310 -7.40 -8.98 -10.31
CA LEU B 310 -7.04 -8.08 -11.40
C LEU B 310 -6.10 -8.79 -12.38
N LEU B 311 -5.18 -9.60 -11.89
CA LEU B 311 -4.30 -10.34 -12.76
C LEU B 311 -5.07 -11.43 -13.53
N HIS B 312 -5.99 -12.11 -12.84
CA HIS B 312 -6.83 -13.14 -13.45
C HIS B 312 -7.52 -12.60 -14.70
N ARG B 313 -8.19 -11.47 -14.54
CA ARG B 313 -8.90 -10.85 -15.62
C ARG B 313 -7.96 -10.35 -16.71
N ALA B 314 -6.77 -9.87 -16.32
CA ALA B 314 -5.77 -9.45 -17.29
C ALA B 314 -5.36 -10.64 -18.14
N LEU B 315 -4.87 -11.68 -17.48
CA LEU B 315 -4.34 -12.88 -18.13
C LEU B 315 -5.40 -13.64 -18.93
N HIS B 316 -6.64 -13.62 -18.48
CA HIS B 316 -7.75 -14.21 -19.23
C HIS B 316 -8.01 -13.42 -20.53
N ALA B 317 -7.88 -12.10 -20.49
CA ALA B 317 -8.08 -11.26 -21.67
C ALA B 317 -7.01 -11.46 -22.76
N GLN B 318 -5.87 -12.05 -22.40
CA GLN B 318 -4.85 -12.45 -23.37
C GLN B 318 -4.98 -13.93 -23.79
N GLY B 319 -6.05 -14.58 -23.36
CA GLY B 319 -6.32 -15.97 -23.74
C GLY B 319 -5.53 -17.01 -22.98
N ASP B 320 -5.07 -16.69 -21.77
CA ASP B 320 -4.32 -17.67 -20.95
C ASP B 320 -5.21 -18.88 -20.63
N PRO B 321 -4.93 -20.02 -21.25
CA PRO B 321 -5.85 -21.15 -21.12
C PRO B 321 -5.62 -21.95 -19.82
N ALA B 322 -4.54 -21.64 -19.11
CA ALA B 322 -4.16 -22.40 -17.91
C ALA B 322 -4.80 -21.87 -16.60
N LEU B 323 -5.64 -20.84 -16.70
CA LEU B 323 -6.25 -20.21 -15.52
C LEU B 323 -7.34 -21.07 -14.88
N SER B 324 -7.33 -21.13 -13.55
CA SER B 324 -8.38 -21.84 -12.80
C SER B 324 -9.73 -21.22 -13.05
N MET B 325 -10.76 -22.06 -13.03
CA MET B 325 -12.15 -21.60 -13.18
C MET B 325 -12.93 -21.62 -11.86
N SER B 326 -12.25 -21.94 -10.74
CA SER B 326 -12.89 -21.92 -9.42
C SER B 326 -12.18 -21.09 -8.31
N HIS B 327 -10.86 -20.87 -8.41
CA HIS B 327 -10.08 -20.20 -7.38
C HIS B 327 -9.12 -19.12 -7.90
N TRP B 328 -8.91 -18.07 -7.08
CA TRP B 328 -7.83 -17.10 -7.30
C TRP B 328 -6.49 -17.75 -7.05
N MET B 329 -5.42 -17.17 -7.59
CA MET B 329 -4.09 -17.70 -7.34
C MET B 329 -3.44 -17.26 -6.01
N PHE B 330 -4.19 -17.44 -4.91
CA PHE B 330 -3.62 -17.39 -3.55
C PHE B 330 -4.37 -18.37 -2.64
N HIS B 331 -3.85 -18.63 -1.44
CA HIS B 331 -4.50 -19.57 -0.54
C HIS B 331 -5.69 -18.87 0.11
N GLN B 332 -6.84 -18.95 -0.53
CA GLN B 332 -8.06 -18.30 -0.05
C GLN B 332 -8.41 -18.71 1.38
N GLN B 333 -8.22 -19.99 1.69
CA GLN B 333 -8.56 -20.56 2.99
C GLN B 333 -7.63 -20.03 4.10
N ALA B 334 -6.32 -20.04 3.86
CA ALA B 334 -5.38 -19.54 4.86
C ALA B 334 -5.57 -18.03 5.16
N LEU B 335 -5.93 -17.24 4.16
CA LEU B 335 -6.15 -15.81 4.40
C LEU B 335 -7.38 -15.61 5.31
N GLN B 336 -8.48 -16.32 5.02
CA GLN B 336 -9.68 -16.28 5.85
C GLN B 336 -9.39 -16.66 7.30
N GLU B 337 -8.57 -17.68 7.47
CA GLU B 337 -8.18 -18.17 8.77
C GLU B 337 -7.35 -17.12 9.54
N TYR B 338 -6.40 -16.45 8.86
CA TYR B 338 -5.68 -15.31 9.44
C TYR B 338 -6.64 -14.21 9.88
N ILE B 339 -7.51 -13.75 8.98
CA ILE B 339 -8.38 -12.64 9.30
C ILE B 339 -9.34 -13.00 10.46
N LEU B 340 -10.00 -14.15 10.36
CA LEU B 340 -11.00 -14.56 11.34
C LEU B 340 -10.41 -14.88 12.73
N MET B 341 -9.27 -15.57 12.77
CA MET B 341 -8.67 -15.92 14.05
C MET B 341 -7.72 -14.86 14.63
N CYS B 342 -7.07 -14.06 13.78
CA CYS B 342 -6.05 -13.14 14.27
C CYS B 342 -6.37 -11.65 14.15
N CYS B 343 -7.38 -11.26 13.37
CA CYS B 343 -7.56 -9.84 13.04
C CYS B 343 -8.85 -9.22 13.56
N GLN B 344 -9.61 -9.98 14.35
CA GLN B 344 -10.84 -9.45 14.98
C GLN B 344 -10.63 -8.98 16.42
N CYS B 345 -11.11 -7.79 16.72
CA CYS B 345 -11.24 -7.32 18.09
C CYS B 345 -12.60 -7.80 18.69
N PRO B 346 -12.58 -8.46 19.86
CA PRO B 346 -13.82 -8.98 20.50
C PRO B 346 -14.87 -7.92 20.80
N ALA B 347 -14.43 -6.71 21.12
CA ALA B 347 -15.33 -5.56 21.25
C ALA B 347 -15.86 -5.00 19.93
N GLY B 348 -15.42 -5.56 18.80
CA GLY B 348 -15.81 -5.05 17.48
C GLY B 348 -14.68 -4.32 16.78
N GLY B 349 -14.70 -4.37 15.45
CA GLY B 349 -13.65 -3.79 14.64
C GLY B 349 -12.53 -4.77 14.37
N LEU B 350 -11.70 -4.44 13.36
CA LEU B 350 -10.59 -5.32 12.97
C LEU B 350 -9.23 -4.64 12.99
N LEU B 351 -8.18 -5.46 12.86
CA LEU B 351 -6.83 -4.96 13.11
C LEU B 351 -5.70 -5.55 12.27
N ASP B 352 -4.53 -4.92 12.40
CA ASP B 352 -3.30 -5.28 11.70
C ASP B 352 -2.85 -6.70 12.08
N LYS B 353 -2.60 -6.93 13.35
CA LYS B 353 -2.20 -8.23 13.87
C LYS B 353 -2.57 -8.29 15.34
N PRO B 354 -2.51 -9.48 15.97
CA PRO B 354 -2.86 -9.54 17.39
C PRO B 354 -1.97 -8.61 18.22
N GLY B 355 -2.59 -7.95 19.18
CA GLY B 355 -1.85 -7.04 20.03
C GLY B 355 -1.78 -5.62 19.50
N LYS B 356 -2.38 -5.36 18.33
CA LYS B 356 -2.57 -4.02 17.83
C LYS B 356 -3.97 -3.55 18.21
N SER B 357 -4.18 -2.26 18.04
CA SER B 357 -5.45 -1.61 18.29
C SER B 357 -6.32 -1.60 17.05
N ARG B 358 -7.62 -1.75 17.28
CA ARG B 358 -8.60 -1.70 16.20
C ARG B 358 -8.65 -0.29 15.63
N ASP B 359 -9.05 -0.20 14.38
CA ASP B 359 -9.27 1.09 13.73
C ASP B 359 -10.16 0.90 12.51
N PHE B 360 -10.69 1.99 12.01
CA PHE B 360 -11.67 1.95 10.94
C PHE B 360 -11.05 1.58 9.57
N TYR B 361 -9.75 1.86 9.43
CA TYR B 361 -8.98 1.55 8.24
C TYR B 361 -8.80 0.04 8.08
N HIS B 362 -8.30 -0.60 9.14
CA HIS B 362 -8.18 -2.03 9.17
C HIS B 362 -9.48 -2.78 9.12
N THR B 363 -10.51 -2.21 9.74
CA THR B 363 -11.85 -2.77 9.62
C THR B 363 -12.28 -2.81 8.13
N CYS B 364 -12.05 -1.72 7.41
CA CYS B 364 -12.44 -1.63 6.00
C CYS B 364 -11.69 -2.67 5.15
N TYR B 365 -10.36 -2.72 5.28
CA TYR B 365 -9.49 -3.51 4.38
C TYR B 365 -9.35 -4.98 4.77
N CYS B 366 -9.40 -5.28 6.06
CA CYS B 366 -9.60 -6.66 6.51
C CYS B 366 -10.90 -7.26 5.95
N LEU B 367 -12.02 -6.53 6.04
CA LEU B 367 -13.28 -7.02 5.50
C LEU B 367 -13.26 -7.13 3.95
N SER B 368 -12.70 -6.13 3.27
CA SER B 368 -12.53 -6.17 1.80
C SER B 368 -11.71 -7.40 1.37
N GLY B 369 -10.61 -7.66 2.07
CA GLY B 369 -9.81 -8.85 1.86
C GLY B 369 -10.53 -10.16 2.12
N LEU B 370 -11.31 -10.23 3.21
CA LEU B 370 -12.14 -11.43 3.49
C LEU B 370 -13.10 -11.74 2.31
N SER B 371 -13.76 -10.70 1.80
CA SER B 371 -14.71 -10.85 0.70
C SER B 371 -14.04 -11.40 -0.57
N ILE B 372 -12.95 -10.76 -0.97
CA ILE B 372 -12.12 -11.23 -2.07
C ILE B 372 -11.83 -12.71 -1.89
N ALA B 373 -11.36 -13.11 -0.70
CA ALA B 373 -10.99 -14.49 -0.43
C ALA B 373 -12.19 -15.46 -0.52
N GLN B 374 -13.39 -14.95 -0.28
CA GLN B 374 -14.61 -15.76 -0.28
C GLN B 374 -15.22 -15.95 -1.67
N HIS B 375 -15.03 -14.97 -2.56
CA HIS B 375 -15.73 -14.93 -3.83
C HIS B 375 -14.82 -14.92 -5.06
N PHE B 376 -14.87 -16.04 -5.81
CA PHE B 376 -14.29 -16.13 -7.16
C PHE B 376 -15.36 -15.89 -8.22
N GLY B 377 -14.97 -15.21 -9.29
CA GLY B 377 -15.86 -14.88 -10.42
C GLY B 377 -15.03 -14.61 -11.68
N SER B 378 -15.23 -15.42 -12.72
CA SER B 378 -14.51 -15.29 -14.00
C SER B 378 -15.41 -15.64 -15.19
N GLY B 379 -16.25 -14.67 -15.59
CA GLY B 379 -17.22 -14.86 -16.67
C GLY B 379 -18.49 -15.45 -16.08
N ALA B 380 -18.92 -16.60 -16.61
CA ALA B 380 -20.07 -17.32 -16.05
C ALA B 380 -19.69 -18.14 -14.80
N MET B 381 -18.41 -18.42 -14.61
CA MET B 381 -17.92 -19.20 -13.47
C MET B 381 -17.93 -18.38 -12.16
N LEU B 382 -18.71 -18.85 -11.19
CA LEU B 382 -18.76 -18.29 -9.84
C LEU B 382 -18.47 -19.42 -8.88
N HIS B 383 -17.73 -19.14 -7.81
CA HIS B 383 -17.44 -20.15 -6.80
C HIS B 383 -16.96 -19.56 -5.46
N ASP B 384 -17.68 -19.89 -4.40
CA ASP B 384 -17.41 -19.38 -3.06
C ASP B 384 -16.70 -20.38 -2.19
N VAL B 385 -15.87 -19.87 -1.28
CA VAL B 385 -15.21 -20.63 -0.23
C VAL B 385 -15.46 -19.85 1.05
N VAL B 386 -16.22 -20.42 1.97
CA VAL B 386 -16.56 -19.68 3.20
C VAL B 386 -16.10 -20.45 4.41
N MET B 387 -15.00 -20.04 5.01
CA MET B 387 -14.49 -20.74 6.20
C MET B 387 -15.37 -20.39 7.39
N GLY B 388 -15.43 -21.31 8.35
CA GLY B 388 -16.24 -21.14 9.54
C GLY B 388 -17.73 -21.26 9.30
N VAL B 389 -18.53 -20.61 10.13
CA VAL B 389 -19.99 -20.69 9.99
C VAL B 389 -20.45 -19.97 8.72
N PRO B 390 -21.52 -20.46 8.06
CA PRO B 390 -22.00 -19.93 6.79
C PRO B 390 -22.48 -18.49 6.84
N GLU B 391 -22.78 -18.01 8.04
CA GLU B 391 -23.13 -16.61 8.27
C GLU B 391 -21.95 -15.64 8.00
N ASN B 392 -20.73 -16.19 7.95
CA ASN B 392 -19.52 -15.39 7.70
C ASN B 392 -19.46 -14.74 6.29
N VAL B 393 -20.31 -15.17 5.33
CA VAL B 393 -20.28 -14.62 3.96
C VAL B 393 -20.61 -13.15 3.85
N LEU B 394 -19.72 -12.42 3.17
CA LEU B 394 -19.91 -11.00 2.98
C LEU B 394 -20.46 -10.74 1.59
N GLN B 395 -20.96 -9.52 1.39
CA GLN B 395 -21.22 -9.00 0.06
C GLN B 395 -19.91 -8.91 -0.73
N PRO B 396 -20.00 -9.03 -2.08
CA PRO B 396 -18.78 -8.97 -2.89
C PRO B 396 -18.30 -7.52 -3.06
N THR B 397 -17.04 -7.37 -3.40
CA THR B 397 -16.47 -6.05 -3.67
C THR B 397 -15.78 -6.03 -5.05
N HIS B 398 -15.81 -4.90 -5.73
CA HIS B 398 -15.15 -4.75 -7.04
C HIS B 398 -13.64 -4.53 -6.85
N PRO B 399 -12.79 -5.41 -7.40
CA PRO B 399 -11.37 -5.27 -7.16
C PRO B 399 -10.67 -4.00 -7.65
N VAL B 400 -11.31 -3.19 -8.48
CA VAL B 400 -10.65 -1.97 -8.97
C VAL B 400 -10.87 -0.80 -8.02
N TYR B 401 -12.13 -0.61 -7.64
CA TYR B 401 -12.62 0.55 -6.92
C TYR B 401 -12.87 0.33 -5.42
N ASN B 402 -12.93 -0.93 -5.00
CA ASN B 402 -13.30 -1.35 -3.64
C ASN B 402 -14.58 -0.67 -3.11
N ILE B 403 -15.60 -0.65 -3.98
CA ILE B 403 -16.99 -0.52 -3.59
C ILE B 403 -17.78 -1.70 -4.20
N GLY B 404 -19.04 -1.88 -3.83
CA GLY B 404 -19.82 -3.03 -4.33
C GLY B 404 -19.93 -2.97 -5.86
N PRO B 405 -19.76 -4.12 -6.56
CA PRO B 405 -19.86 -4.14 -8.03
C PRO B 405 -21.14 -3.52 -8.60
N ASP B 406 -22.23 -3.64 -7.85
CA ASP B 406 -23.50 -3.01 -8.18
C ASP B 406 -23.43 -1.50 -8.09
N LYS B 407 -22.62 -1.01 -7.16
CA LYS B 407 -22.46 0.43 -6.98
C LYS B 407 -21.65 1.00 -8.15
N VAL B 408 -20.69 0.22 -8.65
CA VAL B 408 -19.89 0.61 -9.81
C VAL B 408 -20.69 0.70 -11.12
N ILE B 409 -21.44 -0.37 -11.45
CA ILE B 409 -22.29 -0.39 -12.66
C ILE B 409 -23.16 0.83 -12.65
N GLN B 410 -23.89 0.97 -11.55
CA GLN B 410 -24.89 1.98 -11.37
C GLN B 410 -24.31 3.40 -11.45
N ALA B 411 -23.17 3.63 -10.82
CA ALA B 411 -22.56 4.95 -10.92
C ALA B 411 -22.12 5.21 -12.38
N THR B 412 -21.38 4.26 -12.97
CA THR B 412 -20.82 4.47 -14.31
C THR B 412 -21.93 4.70 -15.34
N THR B 413 -23.08 4.06 -15.12
CA THR B 413 -24.22 4.18 -16.01
C THR B 413 -24.79 5.57 -15.92
N HIS B 414 -25.07 6.02 -14.70
CA HIS B 414 -25.60 7.37 -14.46
C HIS B 414 -24.74 8.51 -15.04
N PHE B 415 -23.43 8.40 -14.93
CA PHE B 415 -22.55 9.47 -15.42
C PHE B 415 -22.28 9.36 -16.94
N LEU B 416 -22.49 8.16 -17.50
CA LEU B 416 -22.49 7.99 -18.96
C LEU B 416 -23.69 8.73 -19.62
N GLN B 417 -24.72 9.09 -18.86
CA GLN B 417 -25.81 9.92 -19.38
C GLN B 417 -25.36 11.31 -19.81
N LYS B 418 -24.26 11.80 -19.22
CA LYS B 418 -23.78 13.13 -19.52
C LYS B 418 -22.53 13.04 -20.37
N PRO B 419 -22.23 14.11 -21.12
CA PRO B 419 -21.00 14.11 -21.91
C PRO B 419 -19.77 14.52 -21.09
N VAL B 420 -18.59 14.05 -21.51
CA VAL B 420 -17.31 14.49 -20.96
C VAL B 420 -17.20 16.00 -21.13
N PRO B 421 -16.97 16.76 -20.04
CA PRO B 421 -16.96 18.22 -20.16
C PRO B 421 -15.80 18.78 -21.00
N GLY B 422 -16.04 19.71 -21.93
CA GLY B 422 -17.35 19.99 -22.51
C GLY B 422 -17.39 19.39 -23.91
N PHE B 423 -18.45 18.63 -24.21
CA PHE B 423 -18.59 17.94 -25.50
C PHE B 423 -20.01 18.10 -26.05
#